data_8HBI
#
_entry.id   8HBI
#
_cell.length_a   1.00
_cell.length_b   1.00
_cell.length_c   1.00
_cell.angle_alpha   90.00
_cell.angle_beta   90.00
_cell.angle_gamma   90.00
#
_symmetry.space_group_name_H-M   'P 1'
#
loop_
_entity.id
_entity.type
_entity.pdbx_description
1 polymer 'M688F nab'
2 polymer 'VP1 of capsid protein'
3 polymer 'VP2 of capsid protein'
4 polymer 'VP3 of capsid protein'
5 polymer 'VP4 of capsid protein'
#
loop_
_entity_poly.entity_id
_entity_poly.type
_entity_poly.pdbx_seq_one_letter_code
_entity_poly.pdbx_strand_id
1 'polypeptide(L)'
;QVQLQESGGGLVQAGDSLRLSCVPSVRTSDNYIMGWFRQPPGKEREFVAAIRRSDGTTKYAASVKGRFAISRDVAKNAAY
LQMNSLKAEDTAVYYCAAKYQSTFYSTMDVQYDYWGQGTQVTVSS
;
E
2 'polypeptide(L)'
;TTSAGESADPVTTTVENYGGETQVQRRHHTDVGFIMDRFVKINNTNPTHVIDLMQTHQHGLVGALLRAATYYFSDLEIVV
RHEGNLTWVPNGAPEAALSNAGNPTAYNKAPFTRLALPYTAPHRVLATVYNGTSKYSTTGERTRGDLGALAARVATQLPA
SFNFGAIRATDISELLVRMKRAELYCPRPLLAVEVTAQDRHKQKIIAPAKQ
;
A
3 'polypeptide(L)'
;DKKTEETTLLEDRTLTTRNGHTTSTTQSSVGVTYGYSTGEDHVSGPNTSGLETRVTQAERFFKKHLFNWTTDKPFGHLEK
LKLPTDHKGVYGHLVDSFAYMRNGWDVEVSAVGNQFNGGCLLVAMVPEWKKFTPREKYQLTLFPHQFISPRTNMTAHITV
PYLGVNRYDQYKKHKPWTLVVMVVSPLTTSSIGATEIKVYANIAPTHVHVAGELPSKE
;
B
4 'polypeptide(L)'
;GIVPVACSDGYGGLVTTDPKTADPVYGKVYNPPRTNYPGRFTNLLDVAEACPTFLCFDDGKPYVVTREDEQRLLAKFDVS
LAAKHMSNTYLSGIAQYYAQYSGTINLHFMFTGSTDSKARYMVAYVPPGVETPPDTPERAAHCIHAEWDTGLNSKFTFSI
PYVSAADYAYTASDVAETTNVQGWVCIYQITHGKAQNDTLVVSVSAGKDFELRLPIDPRTQ
;
C
5 'polypeptide(L)'
;GAGQSSPATGSQNQSGNTGSIINNYYMQQYQNSMDTQLGDNAISGGSNEGSTDTTSTHTTNTQNNDWFSKLASSAFSGLF
GALLA
;
D
#
# COMPACT_ATOMS: atom_id res chain seq x y z
N GLN A 1 -43.46 -3.24 -0.07
CA GLN A 1 -42.06 -2.84 -0.26
C GLN A 1 -41.33 -3.88 -1.11
N VAL A 2 -40.94 -4.99 -0.50
CA VAL A 2 -40.12 -6.00 -1.15
C VAL A 2 -40.91 -7.31 -1.24
N GLN A 3 -40.88 -7.92 -2.42
CA GLN A 3 -41.50 -9.21 -2.66
C GLN A 3 -40.44 -10.21 -3.08
N LEU A 4 -40.60 -11.47 -2.70
CA LEU A 4 -39.59 -12.48 -2.90
C LEU A 4 -40.09 -13.51 -3.91
N GLN A 5 -39.25 -13.83 -4.88
CA GLN A 5 -39.58 -14.79 -5.92
C GLN A 5 -38.78 -16.06 -5.72
N GLU A 6 -39.49 -17.16 -5.46
CA GLU A 6 -38.87 -18.45 -5.18
C GLU A 6 -38.93 -19.33 -6.43
N SER A 7 -37.96 -20.24 -6.55
CA SER A 7 -37.87 -21.11 -7.70
C SER A 7 -37.20 -22.42 -7.27
N GLY A 8 -37.43 -23.48 -8.05
CA GLY A 8 -36.68 -24.69 -7.92
C GLY A 8 -37.30 -25.80 -7.09
N GLY A 9 -38.52 -25.62 -6.60
CA GLY A 9 -39.16 -26.66 -5.84
C GLY A 9 -39.66 -27.79 -6.73
N GLY A 10 -40.12 -28.85 -6.08
CA GLY A 10 -40.66 -29.96 -6.83
C GLY A 10 -40.66 -31.22 -5.99
N LEU A 11 -40.56 -32.36 -6.68
CA LEU A 11 -40.63 -33.67 -6.08
C LEU A 11 -39.37 -34.46 -6.43
N VAL A 12 -38.81 -35.12 -5.43
CA VAL A 12 -37.68 -36.02 -5.61
C VAL A 12 -37.92 -37.25 -4.74
N GLN A 13 -37.00 -38.20 -4.76
CA GLN A 13 -37.02 -39.31 -3.83
C GLN A 13 -35.75 -39.30 -3.01
N ALA A 14 -35.71 -40.16 -1.98
CA ALA A 14 -34.61 -40.15 -1.04
C ALA A 14 -33.28 -40.37 -1.73
N GLY A 15 -32.26 -39.63 -1.30
CA GLY A 15 -30.93 -39.75 -1.85
C GLY A 15 -30.58 -38.74 -2.91
N ASP A 16 -31.56 -38.07 -3.52
CA ASP A 16 -31.27 -37.09 -4.56
C ASP A 16 -30.98 -35.72 -3.98
N SER A 17 -30.95 -34.70 -4.83
CA SER A 17 -30.66 -33.34 -4.38
C SER A 17 -31.66 -32.38 -5.01
N LEU A 18 -31.85 -31.24 -4.36
CA LEU A 18 -32.71 -30.18 -4.86
C LEU A 18 -31.99 -28.85 -4.67
N ARG A 19 -32.41 -27.86 -5.45
CA ARG A 19 -31.82 -26.52 -5.39
C ARG A 19 -32.95 -25.50 -5.38
N LEU A 20 -33.05 -24.77 -4.27
CA LEU A 20 -34.04 -23.71 -4.13
C LEU A 20 -33.36 -22.36 -4.34
N SER A 21 -34.07 -21.42 -4.97
CA SER A 21 -33.55 -20.09 -5.22
C SER A 21 -34.58 -19.05 -4.79
N CYS A 22 -34.11 -17.82 -4.55
CA CYS A 22 -35.00 -16.72 -4.16
C CYS A 22 -34.33 -15.40 -4.51
N VAL A 23 -35.04 -14.55 -5.24
CA VAL A 23 -34.53 -13.25 -5.67
C VAL A 23 -35.53 -12.20 -5.20
N PRO A 24 -35.10 -11.15 -4.51
CA PRO A 24 -36.01 -10.07 -4.13
C PRO A 24 -36.29 -9.13 -5.29
N SER A 25 -37.41 -8.41 -5.17
CA SER A 25 -37.92 -7.63 -6.29
C SER A 25 -37.14 -6.34 -6.50
N VAL A 26 -36.69 -5.71 -5.42
CA VAL A 26 -35.94 -4.45 -5.50
C VAL A 26 -34.51 -4.72 -5.07
N ARG A 27 -33.58 -3.91 -5.58
CA ARG A 27 -32.17 -4.13 -5.30
C ARG A 27 -31.59 -3.03 -4.43
N THR A 28 -32.32 -2.61 -3.40
CA THR A 28 -31.85 -1.59 -2.47
C THR A 28 -30.51 -1.96 -1.84
N SER A 29 -29.78 -0.95 -1.36
CA SER A 29 -28.45 -1.14 -0.79
C SER A 29 -28.55 -1.34 0.73
N ASP A 30 -29.05 -2.50 1.11
CA ASP A 30 -29.17 -2.89 2.51
C ASP A 30 -28.35 -4.14 2.76
N ASN A 31 -28.32 -4.58 4.03
CA ASN A 31 -27.49 -5.71 4.39
C ASN A 31 -28.33 -6.94 4.70
N TYR A 32 -29.48 -7.08 4.05
CA TYR A 32 -30.49 -8.09 4.35
C TYR A 32 -29.96 -9.51 4.50
N ILE A 33 -30.70 -10.34 5.22
CA ILE A 33 -30.32 -11.72 5.52
C ILE A 33 -31.35 -12.66 4.92
N MET A 34 -31.01 -13.31 3.82
CA MET A 34 -31.90 -14.28 3.19
C MET A 34 -31.86 -15.59 3.98
N GLY A 35 -33.03 -16.07 4.38
CA GLY A 35 -33.12 -17.31 5.14
C GLY A 35 -34.16 -18.23 4.55
N TRP A 36 -34.22 -19.43 5.09
CA TRP A 36 -35.13 -20.46 4.64
C TRP A 36 -35.84 -21.08 5.84
N PHE A 37 -37.16 -21.02 5.83
CA PHE A 37 -37.99 -21.65 6.85
C PHE A 37 -38.78 -22.77 6.19
N ARG A 38 -39.00 -23.85 6.92
CA ARG A 38 -39.77 -24.97 6.40
C ARG A 38 -40.87 -25.32 7.39
N GLN A 39 -42.01 -25.75 6.87
CA GLN A 39 -43.15 -26.12 7.69
C GLN A 39 -43.58 -27.54 7.35
N PRO A 40 -43.24 -28.53 8.16
CA PRO A 40 -43.61 -29.91 7.85
C PRO A 40 -45.11 -30.09 7.91
N PRO A 41 -45.64 -31.15 7.29
CA PRO A 41 -47.09 -31.36 7.29
C PRO A 41 -47.61 -31.61 8.70
N GLY A 42 -48.53 -30.77 9.14
CA GLY A 42 -49.10 -30.90 10.47
C GLY A 42 -48.16 -30.45 11.57
N LYS A 43 -47.23 -29.56 11.27
CA LYS A 43 -46.32 -29.00 12.26
C LYS A 43 -46.07 -27.54 11.93
N GLU A 44 -45.43 -26.84 12.87
CA GLU A 44 -45.29 -25.39 12.76
C GLU A 44 -43.97 -25.02 12.08
N ARG A 45 -43.91 -23.80 11.55
CA ARG A 45 -42.75 -23.31 10.81
C ARG A 45 -41.50 -23.34 11.67
N GLU A 46 -40.34 -23.52 11.03
CA GLU A 46 -39.07 -23.62 11.74
C GLU A 46 -37.93 -23.20 10.84
N PHE A 47 -36.82 -22.79 11.47
CA PHE A 47 -35.68 -22.24 10.74
C PHE A 47 -34.82 -23.35 10.18
N VAL A 48 -34.24 -23.12 9.00
CA VAL A 48 -33.41 -24.11 8.33
C VAL A 48 -32.00 -23.57 8.13
N ALA A 49 -31.86 -22.48 7.39
CA ALA A 49 -30.55 -21.93 7.07
C ALA A 49 -30.69 -20.50 6.58
N ALA A 50 -29.78 -19.65 7.03
CA ALA A 50 -29.77 -18.24 6.67
C ALA A 50 -28.37 -17.85 6.20
N ILE A 51 -28.28 -16.73 5.50
CA ILE A 51 -27.00 -16.23 5.02
C ILE A 51 -27.06 -14.71 4.98
N ARG A 52 -25.93 -14.08 5.30
CA ARG A 52 -25.85 -12.62 5.28
C ARG A 52 -25.47 -12.15 3.88
N ARG A 53 -25.84 -10.92 3.54
CA ARG A 53 -25.60 -10.44 2.19
C ARG A 53 -24.18 -9.91 2.03
N SER A 54 -23.68 -9.20 3.04
CA SER A 54 -22.34 -8.64 2.95
C SER A 54 -21.30 -9.73 2.80
N ASP A 55 -21.11 -10.55 3.83
CA ASP A 55 -20.19 -11.67 3.79
C ASP A 55 -20.99 -12.94 3.57
N GLY A 56 -20.31 -14.07 3.62
CA GLY A 56 -21.00 -15.33 3.49
C GLY A 56 -21.23 -15.98 4.83
N THR A 57 -21.61 -15.20 5.83
CA THR A 57 -21.86 -15.77 7.14
C THR A 57 -23.16 -16.57 7.12
N THR A 58 -23.04 -17.88 7.35
CA THR A 58 -24.17 -18.78 7.23
C THR A 58 -24.53 -19.36 8.59
N LYS A 59 -25.82 -19.30 8.92
CA LYS A 59 -26.37 -20.05 10.04
C LYS A 59 -27.02 -21.34 9.58
N TYR A 60 -27.21 -22.30 10.48
CA TYR A 60 -27.81 -23.57 10.12
C TYR A 60 -28.62 -24.11 11.29
N ALA A 61 -29.46 -25.11 11.03
CA ALA A 61 -30.19 -25.80 12.07
C ALA A 61 -29.43 -27.07 12.43
N ALA A 62 -29.66 -27.55 13.65
CA ALA A 62 -29.04 -28.80 14.07
C ALA A 62 -29.46 -29.95 13.19
N SER A 63 -30.69 -29.90 12.66
CA SER A 63 -31.18 -30.96 11.78
C SER A 63 -30.35 -31.06 10.51
N VAL A 64 -30.12 -29.94 9.83
CA VAL A 64 -29.46 -29.91 8.53
C VAL A 64 -28.22 -29.07 8.67
N LYS A 65 -27.09 -29.72 8.99
CA LYS A 65 -25.82 -29.04 9.18
C LYS A 65 -24.79 -29.46 8.14
N GLY A 66 -24.60 -30.76 7.93
CA GLY A 66 -23.65 -31.21 6.93
C GLY A 66 -24.28 -31.39 5.56
N ARG A 67 -25.60 -31.56 5.51
CA ARG A 67 -26.26 -31.87 4.25
C ARG A 67 -26.49 -30.61 3.42
N PHE A 68 -27.16 -29.61 4.00
CA PHE A 68 -27.58 -28.42 3.29
C PHE A 68 -26.44 -27.41 3.17
N ALA A 69 -26.52 -26.58 2.13
CA ALA A 69 -25.51 -25.56 1.88
C ALA A 69 -26.20 -24.35 1.26
N ILE A 70 -25.90 -23.16 1.78
CA ILE A 70 -26.51 -21.93 1.30
C ILE A 70 -25.43 -21.01 0.77
N SER A 71 -25.75 -20.28 -0.30
CA SER A 71 -24.82 -19.36 -0.93
C SER A 71 -25.57 -18.16 -1.47
N ARG A 72 -24.82 -17.15 -1.92
CA ARG A 72 -25.39 -15.93 -2.46
C ARG A 72 -24.63 -15.50 -3.70
N ASP A 73 -25.35 -14.92 -4.66
CA ASP A 73 -24.75 -14.37 -5.87
C ASP A 73 -24.76 -12.85 -5.89
N VAL A 74 -23.62 -12.21 -5.64
CA VAL A 74 -23.53 -10.76 -5.54
C VAL A 74 -24.01 -10.11 -6.84
N ALA A 75 -23.67 -10.72 -7.97
CA ALA A 75 -24.04 -10.14 -9.26
C ALA A 75 -25.55 -10.19 -9.48
N LYS A 76 -26.14 -11.39 -9.40
CA LYS A 76 -27.54 -11.53 -9.75
C LYS A 76 -28.46 -11.25 -8.56
N ASN A 77 -27.89 -10.98 -7.39
CA ASN A 77 -28.67 -10.65 -6.20
C ASN A 77 -29.61 -11.79 -5.81
N ALA A 78 -29.07 -13.00 -5.77
CA ALA A 78 -29.86 -14.19 -5.49
C ALA A 78 -29.27 -14.95 -4.32
N ALA A 79 -30.01 -15.98 -3.87
CA ALA A 79 -29.55 -16.88 -2.83
C ALA A 79 -30.06 -18.28 -3.12
N TYR A 80 -29.22 -19.28 -2.87
CA TYR A 80 -29.52 -20.65 -3.24
C TYR A 80 -29.32 -21.58 -2.05
N LEU A 81 -30.29 -22.46 -1.82
CA LEU A 81 -30.22 -23.46 -0.78
C LEU A 81 -30.05 -24.82 -1.44
N GLN A 82 -28.83 -25.33 -1.47
CA GLN A 82 -28.52 -26.61 -2.09
C GLN A 82 -28.80 -27.73 -1.11
N MET A 83 -29.92 -28.41 -1.28
CA MET A 83 -30.31 -29.52 -0.42
C MET A 83 -29.71 -30.80 -0.96
N ASN A 84 -29.01 -31.54 -0.10
CA ASN A 84 -28.33 -32.75 -0.49
C ASN A 84 -28.77 -33.91 0.39
N SER A 85 -28.76 -35.11 -0.19
CA SER A 85 -29.02 -36.36 0.52
C SER A 85 -30.29 -36.27 1.36
N LEU A 86 -31.40 -35.98 0.68
CA LEU A 86 -32.65 -35.71 1.38
C LEU A 86 -33.14 -36.95 2.12
N LYS A 87 -33.75 -36.71 3.27
CA LYS A 87 -34.41 -37.75 4.05
C LYS A 87 -35.91 -37.63 3.83
N ALA A 88 -36.62 -38.73 4.08
CA ALA A 88 -38.07 -38.71 3.94
C ALA A 88 -38.71 -37.74 4.92
N GLU A 89 -37.96 -37.32 5.94
CA GLU A 89 -38.48 -36.33 6.89
C GLU A 89 -38.35 -34.92 6.35
N ASP A 90 -37.64 -34.75 5.23
CA ASP A 90 -37.45 -33.40 4.69
C ASP A 90 -38.65 -32.91 3.92
N THR A 91 -39.72 -33.72 3.85
CA THR A 91 -40.96 -33.28 3.23
C THR A 91 -41.58 -32.14 4.03
N ALA A 92 -41.73 -30.98 3.39
CA ALA A 92 -42.33 -29.82 4.03
C ALA A 92 -42.65 -28.75 3.01
N VAL A 93 -43.10 -27.59 3.49
CA VAL A 93 -43.30 -26.40 2.68
C VAL A 93 -42.19 -25.41 3.03
N TYR A 94 -41.35 -25.09 2.05
CA TYR A 94 -40.15 -24.29 2.27
C TYR A 94 -40.42 -22.84 1.94
N TYR A 95 -40.12 -21.94 2.88
CA TYR A 95 -40.36 -20.52 2.75
C TYR A 95 -39.04 -19.78 2.81
N CYS A 96 -38.91 -18.72 2.01
CA CYS A 96 -37.79 -17.80 2.17
C CYS A 96 -38.21 -16.61 3.01
N ALA A 97 -37.24 -15.73 3.29
CA ALA A 97 -37.50 -14.56 4.11
C ALA A 97 -36.35 -13.57 4.01
N ALA A 98 -36.54 -12.36 4.53
CA ALA A 98 -35.67 -11.23 4.23
C ALA A 98 -34.89 -10.69 5.42
N LYS A 99 -35.56 -10.30 6.50
CA LYS A 99 -34.90 -9.76 7.71
C LYS A 99 -33.96 -8.60 7.39
N TYR A 100 -34.57 -7.48 7.01
CA TYR A 100 -33.79 -6.29 6.68
C TYR A 100 -33.34 -5.49 7.90
N GLN A 101 -34.07 -5.53 9.02
CA GLN A 101 -33.89 -4.51 10.04
C GLN A 101 -32.57 -4.61 10.80
N SER A 102 -32.14 -5.81 11.19
CA SER A 102 -30.86 -5.98 11.88
C SER A 102 -30.17 -7.22 11.38
N THR A 103 -28.84 -7.15 11.28
CA THR A 103 -28.05 -8.16 10.60
C THR A 103 -26.97 -8.77 11.47
N PHE A 104 -27.23 -8.96 12.75
CA PHE A 104 -26.23 -9.55 13.64
C PHE A 104 -26.37 -11.05 13.66
N TYR A 105 -25.24 -11.74 13.85
CA TYR A 105 -25.24 -13.20 13.77
C TYR A 105 -26.06 -13.82 14.87
N SER A 106 -26.00 -13.26 16.08
CA SER A 106 -26.64 -13.89 17.24
C SER A 106 -28.15 -13.97 17.06
N THR A 107 -28.73 -13.04 16.32
CA THR A 107 -30.17 -13.00 16.10
C THR A 107 -30.56 -13.38 14.69
N MET A 108 -29.74 -14.14 13.98
CA MET A 108 -29.90 -14.34 12.54
C MET A 108 -31.03 -15.30 12.19
N ASP A 109 -31.78 -15.79 13.18
CA ASP A 109 -32.83 -16.76 12.90
C ASP A 109 -34.06 -16.51 13.77
N VAL A 110 -34.41 -15.25 14.04
CA VAL A 110 -35.52 -15.04 14.96
C VAL A 110 -36.64 -14.15 14.44
N GLN A 111 -36.34 -13.21 13.54
CA GLN A 111 -37.35 -12.18 13.23
C GLN A 111 -37.14 -11.65 11.80
N TYR A 112 -37.91 -12.18 10.87
CA TYR A 112 -37.79 -11.79 9.47
C TYR A 112 -38.96 -10.91 9.07
N ASP A 113 -38.77 -10.13 8.00
CA ASP A 113 -39.71 -9.09 7.61
C ASP A 113 -40.62 -9.46 6.47
N TYR A 114 -40.09 -9.98 5.36
CA TYR A 114 -40.87 -10.29 4.18
C TYR A 114 -40.70 -11.78 3.89
N TRP A 115 -41.81 -12.49 3.70
CA TRP A 115 -41.73 -13.93 3.54
C TRP A 115 -41.82 -14.39 2.08
N GLY A 116 -42.87 -14.03 1.38
CA GLY A 116 -42.98 -14.61 0.05
C GLY A 116 -43.52 -16.02 0.09
N GLN A 117 -44.44 -16.30 -0.82
CA GLN A 117 -45.24 -17.52 -0.76
C GLN A 117 -44.38 -18.76 -0.90
N GLY A 118 -44.71 -19.79 -0.12
CA GLY A 118 -43.81 -20.91 0.02
C GLY A 118 -43.86 -21.87 -1.15
N THR A 119 -42.80 -22.65 -1.30
CA THR A 119 -42.66 -23.68 -2.31
C THR A 119 -42.96 -25.04 -1.67
N GLN A 120 -43.25 -26.02 -2.51
CA GLN A 120 -43.61 -27.35 -2.03
C GLN A 120 -42.52 -28.34 -2.41
N VAL A 121 -41.97 -29.01 -1.41
CA VAL A 121 -40.93 -30.02 -1.60
C VAL A 121 -41.38 -31.30 -0.89
N THR A 122 -41.63 -32.35 -1.67
CA THR A 122 -42.21 -33.60 -1.16
C THR A 122 -41.33 -34.75 -1.64
N VAL A 123 -40.42 -35.18 -0.78
CA VAL A 123 -39.50 -36.26 -1.12
C VAL A 123 -40.15 -37.59 -0.79
N SER A 124 -39.93 -38.58 -1.65
CA SER A 124 -40.51 -39.91 -1.50
C SER A 124 -39.44 -40.93 -1.16
N SER A 125 -39.89 -42.14 -0.86
CA SER A 125 -38.98 -43.21 -0.46
C SER A 125 -39.15 -44.43 -1.37
N THR B 1 -6.93 23.54 -36.15
CA THR B 1 -5.53 23.50 -35.76
C THR B 1 -4.84 22.27 -36.29
N THR B 2 -3.60 22.43 -36.73
CA THR B 2 -2.77 21.32 -37.18
C THR B 2 -1.45 21.39 -36.44
N SER B 3 -0.92 20.23 -36.08
CA SER B 3 0.28 20.16 -35.26
C SER B 3 1.00 18.86 -35.53
N ALA B 4 2.19 18.73 -34.94
CA ALA B 4 2.97 17.50 -35.02
C ALA B 4 2.42 16.52 -34.00
N GLY B 5 1.90 15.40 -34.48
CA GLY B 5 1.21 14.48 -33.58
C GLY B 5 2.15 13.66 -32.73
N GLU B 6 3.22 13.14 -33.34
CA GLU B 6 4.13 12.23 -32.67
C GLU B 6 4.92 12.88 -31.55
N SER B 7 4.85 14.20 -31.40
CA SER B 7 5.56 14.88 -30.33
C SER B 7 4.83 14.75 -29.01
N ALA B 8 3.54 14.43 -29.02
CA ALA B 8 2.72 14.17 -27.85
C ALA B 8 2.49 15.41 -26.99
N ASP B 9 2.48 16.60 -27.59
CA ASP B 9 2.17 17.80 -26.82
C ASP B 9 0.65 17.97 -26.75
N PRO B 10 0.13 18.48 -25.63
CA PRO B 10 -1.31 18.69 -25.53
C PRO B 10 -1.75 19.86 -26.42
N VAL B 11 -2.89 19.67 -27.07
CA VAL B 11 -3.47 20.67 -27.96
C VAL B 11 -4.94 20.82 -27.62
N THR B 12 -5.36 22.05 -27.36
CA THR B 12 -6.76 22.34 -27.02
C THR B 12 -7.28 23.39 -27.99
N THR B 13 -8.00 22.94 -29.02
CA THR B 13 -8.69 23.84 -29.92
C THR B 13 -9.95 24.35 -29.25
N THR B 14 -10.44 25.48 -29.72
CA THR B 14 -11.64 26.09 -29.18
C THR B 14 -12.73 26.13 -30.24
N VAL B 15 -13.93 26.52 -29.83
CA VAL B 15 -14.97 26.83 -30.81
C VAL B 15 -14.75 28.20 -31.43
N GLU B 16 -13.82 29.00 -30.89
CA GLU B 16 -13.44 30.24 -31.53
C GLU B 16 -12.76 30.03 -32.87
N ASN B 17 -12.36 28.81 -33.19
CA ASN B 17 -11.66 28.57 -34.45
C ASN B 17 -12.59 28.75 -35.64
N TYR B 18 -13.90 28.75 -35.41
CA TYR B 18 -14.88 29.00 -36.45
C TYR B 18 -16.01 29.88 -35.93
N GLY B 19 -15.67 30.90 -35.15
CA GLY B 19 -16.62 31.93 -34.77
C GLY B 19 -17.35 31.73 -33.47
N GLY B 20 -17.12 30.63 -32.77
CA GLY B 20 -17.85 30.34 -31.54
C GLY B 20 -17.41 31.16 -30.35
N GLU B 21 -17.59 30.62 -29.14
CA GLU B 21 -17.26 31.34 -27.93
C GLU B 21 -17.13 30.36 -26.78
N THR B 22 -15.94 30.26 -26.21
CA THR B 22 -15.72 29.39 -25.06
C THR B 22 -16.43 29.96 -23.84
N GLN B 23 -17.26 29.15 -23.20
CA GLN B 23 -18.08 29.58 -22.07
C GLN B 23 -17.36 29.31 -20.76
N VAL B 24 -17.85 29.97 -19.71
CA VAL B 24 -17.30 29.82 -18.37
C VAL B 24 -17.70 28.47 -17.79
N GLN B 25 -16.75 27.81 -17.14
CA GLN B 25 -16.95 26.48 -16.60
C GLN B 25 -16.70 26.48 -15.10
N ARG B 26 -17.41 25.59 -14.39
CA ARG B 26 -17.19 25.36 -12.96
C ARG B 26 -16.97 23.89 -12.76
N ARG B 27 -15.81 23.53 -12.21
CA ARG B 27 -15.41 22.14 -12.07
C ARG B 27 -15.29 21.75 -10.61
N HIS B 28 -16.27 22.16 -9.80
CA HIS B 28 -16.22 21.86 -8.38
C HIS B 28 -16.48 20.39 -8.10
N HIS B 29 -17.20 19.72 -8.99
CA HIS B 29 -17.64 18.35 -8.72
C HIS B 29 -16.60 17.32 -9.15
N THR B 30 -15.65 17.68 -10.00
CA THR B 30 -14.57 16.78 -10.38
C THR B 30 -13.28 17.12 -9.63
N ASP B 31 -13.40 17.79 -8.50
CA ASP B 31 -12.27 18.04 -7.61
C ASP B 31 -11.91 16.75 -6.90
N VAL B 32 -10.61 16.48 -6.77
CA VAL B 32 -10.17 15.20 -6.20
C VAL B 32 -10.54 15.11 -4.73
N GLY B 33 -10.31 16.19 -3.99
CA GLY B 33 -10.67 16.19 -2.58
C GLY B 33 -12.16 16.13 -2.34
N PHE B 34 -12.97 16.62 -3.29
CA PHE B 34 -14.41 16.64 -3.15
C PHE B 34 -15.03 15.29 -3.47
N ILE B 35 -14.62 14.67 -4.58
CA ILE B 35 -15.29 13.47 -5.05
C ILE B 35 -14.94 12.25 -4.20
N MET B 36 -13.75 12.21 -3.60
CA MET B 36 -13.35 11.07 -2.78
C MET B 36 -13.89 11.14 -1.36
N ASP B 37 -14.58 12.22 -1.00
CA ASP B 37 -15.05 12.44 0.36
C ASP B 37 -16.52 12.03 0.47
N ARG B 38 -16.77 10.74 0.35
CA ARG B 38 -18.09 10.18 0.60
C ARG B 38 -17.91 8.77 1.12
N PHE B 39 -18.83 8.35 1.99
CA PHE B 39 -18.76 7.01 2.57
C PHE B 39 -19.07 5.95 1.52
N VAL B 40 -18.22 4.94 1.43
CA VAL B 40 -18.41 3.84 0.49
C VAL B 40 -18.20 2.52 1.20
N LYS B 41 -18.87 1.49 0.71
CA LYS B 41 -19.04 0.25 1.45
C LYS B 41 -17.84 -0.67 1.30
N ILE B 42 -17.62 -1.48 2.32
CA ILE B 42 -16.67 -2.60 2.29
C ILE B 42 -17.45 -3.86 2.57
N ASN B 43 -17.62 -4.68 1.54
CA ASN B 43 -18.59 -5.77 1.58
C ASN B 43 -17.97 -7.11 2.01
N ASN B 44 -16.73 -7.11 2.47
CA ASN B 44 -16.15 -8.30 3.07
C ASN B 44 -15.58 -7.91 4.43
N THR B 45 -16.40 -8.10 5.46
CA THR B 45 -16.03 -7.84 6.84
C THR B 45 -15.88 -9.17 7.56
N ASN B 46 -15.05 -9.20 8.58
CA ASN B 46 -14.80 -10.42 9.35
C ASN B 46 -14.94 -10.08 10.83
N PRO B 47 -14.81 -11.03 11.76
CA PRO B 47 -14.60 -10.64 13.16
C PRO B 47 -13.36 -9.78 13.34
N THR B 48 -12.34 -10.01 12.53
CA THR B 48 -11.13 -9.20 12.47
C THR B 48 -10.93 -8.72 11.05
N HIS B 49 -10.90 -7.41 10.85
CA HIS B 49 -10.76 -6.84 9.52
C HIS B 49 -9.57 -5.89 9.49
N VAL B 50 -8.72 -6.02 8.48
CA VAL B 50 -7.61 -5.12 8.26
C VAL B 50 -8.06 -4.10 7.22
N ILE B 51 -8.03 -2.83 7.58
CA ILE B 51 -8.55 -1.77 6.72
C ILE B 51 -7.61 -1.55 5.56
N ASP B 52 -7.99 -2.07 4.40
CA ASP B 52 -7.24 -1.90 3.17
C ASP B 52 -8.18 -1.29 2.14
N LEU B 53 -7.80 -0.14 1.58
CA LEU B 53 -8.71 0.56 0.69
C LEU B 53 -8.91 -0.16 -0.64
N MET B 54 -8.02 -1.06 -1.01
CA MET B 54 -8.17 -1.86 -2.21
C MET B 54 -9.22 -2.94 -2.06
N GLN B 55 -9.97 -2.94 -0.97
CA GLN B 55 -11.09 -3.84 -0.77
C GLN B 55 -12.43 -3.18 -1.07
N THR B 56 -12.44 -1.91 -1.43
CA THR B 56 -13.64 -1.31 -1.97
C THR B 56 -13.94 -1.91 -3.33
N HIS B 57 -15.22 -1.88 -3.72
CA HIS B 57 -15.61 -2.43 -5.00
C HIS B 57 -14.93 -1.66 -6.13
N GLN B 58 -14.41 -2.41 -7.09
CA GLN B 58 -13.62 -1.86 -8.19
C GLN B 58 -14.41 -1.06 -9.16
N HIS B 59 -15.74 -1.15 -9.14
CA HIS B 59 -16.59 -0.37 -10.04
C HIS B 59 -17.44 0.66 -9.34
N GLY B 60 -17.28 0.85 -8.04
CA GLY B 60 -17.94 1.95 -7.36
C GLY B 60 -17.35 3.28 -7.75
N LEU B 61 -17.94 4.35 -7.22
CA LEU B 61 -17.41 5.67 -7.48
C LEU B 61 -16.00 5.80 -6.91
N VAL B 62 -15.87 5.69 -5.58
CA VAL B 62 -14.57 5.87 -4.95
C VAL B 62 -13.65 4.70 -5.28
N GLY B 63 -14.19 3.49 -5.35
CA GLY B 63 -13.35 2.34 -5.65
C GLY B 63 -12.66 2.46 -7.00
N ALA B 64 -13.43 2.74 -8.04
CA ALA B 64 -12.86 2.92 -9.36
C ALA B 64 -11.99 4.16 -9.47
N LEU B 65 -12.40 5.29 -8.89
CA LEU B 65 -11.56 6.48 -8.98
C LEU B 65 -10.28 6.33 -8.18
N LEU B 66 -10.23 5.38 -7.25
CA LEU B 66 -8.99 5.09 -6.55
C LEU B 66 -8.12 4.12 -7.34
N ARG B 67 -8.73 3.16 -8.03
CA ARG B 67 -7.93 2.33 -8.92
C ARG B 67 -7.33 3.12 -10.08
N ALA B 68 -7.82 4.32 -10.36
CA ALA B 68 -7.35 5.13 -11.47
C ALA B 68 -6.19 6.03 -11.09
N ALA B 69 -5.46 5.69 -10.04
CA ALA B 69 -4.29 6.44 -9.60
C ALA B 69 -3.25 5.44 -9.13
N THR B 70 -1.98 5.76 -9.34
CA THR B 70 -0.92 4.86 -8.89
C THR B 70 -0.68 4.99 -7.41
N TYR B 71 -0.47 6.21 -6.92
CA TYR B 71 -0.20 6.46 -5.52
C TYR B 71 -1.31 7.30 -4.92
N TYR B 72 -1.40 7.30 -3.59
CA TYR B 72 -2.37 8.14 -2.92
C TYR B 72 -1.97 8.36 -1.47
N PHE B 73 -2.52 9.42 -0.88
CA PHE B 73 -2.42 9.66 0.54
C PHE B 73 -3.80 10.08 1.05
N SER B 74 -4.14 9.66 2.26
CA SER B 74 -5.42 10.04 2.84
C SER B 74 -5.44 9.72 4.32
N ASP B 75 -6.17 10.53 5.08
CA ASP B 75 -6.69 10.10 6.37
C ASP B 75 -7.92 9.23 6.14
N LEU B 76 -8.66 8.94 7.21
CA LEU B 76 -9.79 8.04 7.07
C LEU B 76 -10.84 8.31 8.12
N GLU B 77 -12.08 7.95 7.77
CA GLU B 77 -13.19 7.85 8.70
C GLU B 77 -13.87 6.52 8.45
N ILE B 78 -14.33 5.86 9.51
CA ILE B 78 -15.01 4.58 9.36
C ILE B 78 -16.32 4.62 10.12
N VAL B 79 -17.32 3.94 9.57
CA VAL B 79 -18.59 3.72 10.23
C VAL B 79 -18.78 2.22 10.37
N VAL B 80 -18.69 1.72 11.59
CA VAL B 80 -18.75 0.30 11.88
C VAL B 80 -20.03 0.02 12.64
N ARG B 81 -20.66 -1.11 12.33
CA ARG B 81 -21.85 -1.58 13.02
C ARG B 81 -21.53 -2.95 13.60
N HIS B 82 -21.33 -3.00 14.92
CA HIS B 82 -20.73 -4.15 15.57
C HIS B 82 -21.53 -4.57 16.79
N GLU B 83 -21.18 -5.73 17.33
CA GLU B 83 -21.67 -6.22 18.61
C GLU B 83 -20.51 -6.21 19.59
N GLY B 84 -20.76 -5.75 20.80
CA GLY B 84 -19.71 -5.62 21.77
C GLY B 84 -18.86 -4.40 21.51
N ASN B 85 -17.62 -4.48 21.97
CA ASN B 85 -16.67 -3.39 21.80
C ASN B 85 -15.92 -3.54 20.48
N LEU B 86 -15.35 -2.43 20.02
CA LEU B 86 -14.59 -2.38 18.79
C LEU B 86 -13.20 -1.85 19.09
N THR B 87 -12.19 -2.69 18.89
CA THR B 87 -10.80 -2.31 19.13
C THR B 87 -10.14 -1.97 17.81
N TRP B 88 -9.31 -0.94 17.81
CA TRP B 88 -8.53 -0.54 16.63
C TRP B 88 -7.05 -0.49 17.00
N VAL B 89 -6.22 -1.14 16.20
CA VAL B 89 -4.77 -1.06 16.39
C VAL B 89 -4.16 -0.41 15.15
N PRO B 90 -3.10 0.38 15.29
CA PRO B 90 -2.54 1.06 14.13
C PRO B 90 -1.74 0.17 13.20
N ASN B 91 -1.12 0.76 12.18
CA ASN B 91 -0.36 0.03 11.18
C ASN B 91 0.93 -0.47 11.79
N GLY B 92 1.15 -1.77 11.74
CA GLY B 92 2.35 -2.39 12.27
C GLY B 92 2.15 -3.16 13.55
N ALA B 93 0.97 -3.14 14.12
CA ALA B 93 0.71 -3.72 15.42
C ALA B 93 0.63 -5.24 15.32
N PRO B 94 1.02 -5.96 16.38
CA PRO B 94 0.72 -7.38 16.45
C PRO B 94 -0.77 -7.64 16.35
N GLU B 95 -1.11 -8.85 15.91
CA GLU B 95 -2.52 -9.22 15.85
C GLU B 95 -3.07 -9.52 17.24
N ALA B 96 -2.19 -9.78 18.21
CA ALA B 96 -2.64 -10.07 19.55
C ALA B 96 -2.93 -8.80 20.33
N ALA B 97 -2.55 -7.64 19.79
CA ALA B 97 -2.86 -6.38 20.45
C ALA B 97 -4.34 -6.04 20.37
N LEU B 98 -5.09 -6.74 19.51
CA LEU B 98 -6.49 -6.42 19.27
C LEU B 98 -7.41 -6.96 20.35
N SER B 99 -6.88 -7.60 21.38
CA SER B 99 -7.69 -8.16 22.46
C SER B 99 -7.57 -7.38 23.76
N ASN B 100 -6.95 -6.20 23.73
CA ASN B 100 -6.69 -5.41 24.92
C ASN B 100 -7.33 -4.04 24.78
N ALA B 101 -7.70 -3.46 25.91
CA ALA B 101 -8.40 -2.18 25.93
C ALA B 101 -7.48 -0.99 26.17
N GLY B 102 -6.16 -1.18 26.10
CA GLY B 102 -5.28 -0.03 26.05
C GLY B 102 -5.29 0.65 24.70
N ASN B 103 -5.68 -0.08 23.66
CA ASN B 103 -5.80 0.46 22.33
C ASN B 103 -7.13 1.20 22.22
N PRO B 104 -7.32 2.00 21.18
CA PRO B 104 -8.62 2.63 20.98
C PRO B 104 -9.74 1.60 20.93
N THR B 105 -10.60 1.63 21.93
CA THR B 105 -11.72 0.69 22.05
C THR B 105 -13.00 1.51 22.19
N ALA B 106 -14.00 1.16 21.40
CA ALA B 106 -15.27 1.88 21.39
C ALA B 106 -16.36 1.00 21.97
N TYR B 107 -16.93 1.43 23.09
CA TYR B 107 -18.05 0.72 23.69
C TYR B 107 -19.32 1.08 22.95
N ASN B 108 -20.01 0.06 22.45
CA ASN B 108 -20.97 0.31 21.39
C ASN B 108 -22.18 1.07 21.88
N LYS B 109 -22.48 2.17 21.17
CA LYS B 109 -23.73 2.88 21.30
C LYS B 109 -24.74 2.26 20.34
N ALA B 110 -25.94 2.82 20.32
CA ALA B 110 -27.07 2.10 19.75
C ALA B 110 -26.94 1.88 18.24
N PRO B 111 -26.98 2.92 17.38
CA PRO B 111 -27.05 2.65 15.95
C PRO B 111 -25.77 2.04 15.39
N PHE B 112 -24.65 2.73 15.58
CA PHE B 112 -23.34 2.32 15.08
C PHE B 112 -22.27 3.24 15.65
N THR B 113 -21.03 3.11 15.18
CA THR B 113 -19.90 3.90 15.64
C THR B 113 -19.28 4.62 14.46
N ARG B 114 -18.94 5.90 14.66
CA ARG B 114 -18.35 6.73 13.62
C ARG B 114 -17.08 7.38 14.19
N LEU B 115 -15.93 6.97 13.70
CA LEU B 115 -14.63 7.42 14.19
C LEU B 115 -13.85 8.12 13.09
N ALA B 116 -12.75 8.75 13.47
CA ALA B 116 -11.80 9.34 12.54
C ALA B 116 -10.41 8.82 12.89
N LEU B 117 -9.74 8.24 11.90
CA LEU B 117 -8.44 7.62 12.06
C LEU B 117 -7.38 8.38 11.29
N PRO B 118 -6.16 8.46 11.79
CA PRO B 118 -5.08 9.10 11.03
C PRO B 118 -4.42 8.13 10.06
N TYR B 119 -3.41 8.64 9.39
CA TYR B 119 -2.61 7.85 8.47
C TYR B 119 -1.37 7.35 9.20
N THR B 120 -1.25 6.03 9.34
CA THR B 120 -0.20 5.44 10.16
C THR B 120 0.78 4.56 9.40
N ALA B 121 0.69 4.50 8.08
CA ALA B 121 1.61 3.69 7.30
C ALA B 121 3.02 4.29 7.35
N PRO B 122 4.06 3.47 7.35
CA PRO B 122 5.42 4.00 7.43
C PRO B 122 5.91 4.66 6.16
N HIS B 123 5.16 4.59 5.06
CA HIS B 123 5.58 5.16 3.80
C HIS B 123 4.98 6.54 3.60
N ARG B 124 5.62 7.33 2.72
CA ARG B 124 5.12 8.66 2.43
C ARG B 124 3.81 8.61 1.67
N VAL B 125 3.63 7.61 0.81
CA VAL B 125 2.40 7.41 0.05
C VAL B 125 2.11 5.93 -0.02
N LEU B 126 0.84 5.58 -0.20
CA LEU B 126 0.44 4.21 -0.48
C LEU B 126 0.20 4.02 -1.96
N ALA B 127 0.14 2.77 -2.42
CA ALA B 127 0.01 2.47 -3.83
C ALA B 127 -1.07 1.43 -4.06
N THR B 128 -1.67 1.49 -5.25
CA THR B 128 -2.65 0.51 -5.68
C THR B 128 -2.05 -0.63 -6.49
N VAL B 129 -0.87 -0.44 -7.08
CA VAL B 129 -0.14 -1.48 -7.77
C VAL B 129 1.29 -1.48 -7.25
N TYR B 130 1.92 -2.64 -7.24
CA TYR B 130 3.30 -2.80 -6.81
C TYR B 130 3.99 -3.80 -7.74
N ASN B 131 5.09 -3.37 -8.36
CA ASN B 131 5.84 -4.22 -9.27
C ASN B 131 6.96 -4.90 -8.50
N GLY B 132 6.66 -5.99 -7.83
CA GLY B 132 7.65 -6.71 -7.07
C GLY B 132 7.11 -7.11 -5.72
N THR B 133 8.03 -7.48 -4.82
CA THR B 133 7.68 -8.03 -3.53
C THR B 133 8.32 -7.22 -2.40
N SER B 134 8.06 -7.66 -1.17
CA SER B 134 8.57 -7.01 0.02
C SER B 134 9.09 -7.98 1.07
N LYS B 135 9.06 -9.28 0.81
CA LYS B 135 9.59 -10.27 1.73
C LYS B 135 10.91 -10.82 1.19
N TYR B 136 11.53 -11.69 1.98
CA TYR B 136 12.78 -12.32 1.59
C TYR B 136 12.57 -13.81 1.33
N THR B 156 -0.98 -8.26 -8.13
CA THR B 156 -1.70 -9.41 -7.59
C THR B 156 -1.71 -9.40 -6.06
N GLN B 157 -0.61 -8.92 -5.46
CA GLN B 157 -0.52 -8.82 -4.01
C GLN B 157 0.31 -7.59 -3.67
N LEU B 158 -0.25 -6.71 -2.88
CA LEU B 158 0.47 -5.54 -2.43
C LEU B 158 1.20 -5.85 -1.13
N PRO B 159 2.20 -5.05 -0.77
CA PRO B 159 2.87 -5.22 0.51
C PRO B 159 1.87 -5.21 1.67
N ALA B 160 2.22 -5.94 2.72
CA ALA B 160 1.34 -6.05 3.88
C ALA B 160 1.26 -4.77 4.68
N SER B 161 2.15 -3.81 4.44
CA SER B 161 2.13 -2.53 5.13
C SER B 161 1.25 -1.50 4.45
N PHE B 162 0.46 -1.93 3.46
CA PHE B 162 -0.44 -1.03 2.75
C PHE B 162 -1.82 -1.17 3.37
N ASN B 163 -1.98 -0.60 4.55
CA ASN B 163 -3.25 -0.66 5.25
C ASN B 163 -3.35 0.53 6.22
N PHE B 164 -4.50 0.66 6.85
CA PHE B 164 -4.80 1.74 7.77
C PHE B 164 -4.99 1.25 9.20
N GLY B 165 -4.63 0.01 9.48
CA GLY B 165 -4.85 -0.60 10.77
C GLY B 165 -5.80 -1.78 10.68
N ALA B 166 -6.28 -2.20 11.86
CA ALA B 166 -7.23 -3.31 11.91
C ALA B 166 -8.26 -3.02 12.98
N ILE B 167 -9.45 -3.58 12.79
CA ILE B 167 -10.54 -3.48 13.76
C ILE B 167 -10.92 -4.89 14.21
N ARG B 168 -11.63 -4.98 15.32
CA ARG B 168 -12.08 -6.26 15.82
C ARG B 168 -13.31 -6.11 16.69
N ALA B 169 -14.29 -6.99 16.48
CA ALA B 169 -15.47 -7.09 17.33
C ALA B 169 -15.89 -8.55 17.35
N THR B 170 -16.94 -8.85 18.10
CA THR B 170 -17.43 -10.23 18.11
C THR B 170 -18.07 -10.60 16.79
N ASP B 171 -18.78 -9.66 16.17
CA ASP B 171 -19.12 -9.78 14.76
C ASP B 171 -19.40 -8.39 14.22
N ILE B 172 -18.90 -8.10 13.03
CA ILE B 172 -19.12 -6.82 12.38
C ILE B 172 -20.10 -7.00 11.24
N SER B 173 -21.15 -6.19 11.22
CA SER B 173 -22.20 -6.30 10.21
C SER B 173 -21.90 -5.50 8.95
N GLU B 174 -21.43 -4.27 9.07
CA GLU B 174 -21.10 -3.46 7.92
C GLU B 174 -19.97 -2.51 8.28
N LEU B 175 -19.19 -2.12 7.26
CA LEU B 175 -18.10 -1.18 7.40
C LEU B 175 -18.17 -0.18 6.26
N LEU B 176 -18.07 1.10 6.59
CA LEU B 176 -18.01 2.19 5.62
C LEU B 176 -16.70 2.93 5.83
N VAL B 177 -16.13 3.47 4.77
CA VAL B 177 -14.90 4.25 4.88
C VAL B 177 -15.04 5.54 4.09
N ARG B 178 -14.26 6.54 4.49
CA ARG B 178 -14.29 7.86 3.89
C ARG B 178 -12.88 8.43 3.89
N MET B 179 -12.44 8.93 2.75
CA MET B 179 -11.09 9.46 2.60
C MET B 179 -11.10 10.96 2.88
N LYS B 180 -10.30 11.38 3.85
CA LYS B 180 -10.18 12.78 4.21
C LYS B 180 -8.83 13.31 3.75
N ARG B 181 -8.83 14.54 3.22
CA ARG B 181 -7.63 15.19 2.71
C ARG B 181 -6.93 14.33 1.66
N ALA B 182 -7.71 13.84 0.71
CA ALA B 182 -7.20 12.87 -0.25
C ALA B 182 -6.30 13.52 -1.29
N GLU B 183 -5.24 12.81 -1.67
CA GLU B 183 -4.30 13.26 -2.69
C GLU B 183 -3.98 12.09 -3.59
N LEU B 184 -4.11 12.28 -4.90
CA LEU B 184 -3.90 11.22 -5.88
C LEU B 184 -2.76 11.61 -6.80
N TYR B 185 -1.99 10.61 -7.25
CA TYR B 185 -0.83 10.82 -8.11
C TYR B 185 -0.82 9.81 -9.24
N CYS B 186 -0.28 10.22 -10.40
CA CYS B 186 0.07 9.34 -11.52
C CYS B 186 -1.12 8.54 -12.06
N PRO B 187 -2.04 9.15 -12.80
CA PRO B 187 -3.29 8.48 -13.17
C PRO B 187 -3.09 7.26 -14.06
N ARG B 188 -4.07 6.35 -13.98
CA ARG B 188 -4.08 5.07 -14.68
C ARG B 188 -5.40 4.92 -15.42
N PRO B 189 -5.56 3.93 -16.30
CA PRO B 189 -6.80 3.80 -17.05
C PRO B 189 -8.03 3.60 -16.17
N LEU B 190 -9.13 4.21 -16.58
CA LEU B 190 -10.44 4.11 -15.93
C LEU B 190 -11.47 3.80 -16.98
N LEU B 191 -12.10 2.64 -16.89
CA LEU B 191 -12.94 2.13 -17.96
C LEU B 191 -14.42 2.30 -17.63
N ALA B 192 -15.23 2.23 -18.68
CA ALA B 192 -16.67 2.27 -18.58
C ALA B 192 -17.23 0.95 -19.06
N VAL B 193 -18.51 0.72 -18.81
CA VAL B 193 -19.16 -0.51 -19.26
C VAL B 193 -19.09 -0.56 -20.78
N GLU B 194 -18.89 -1.75 -21.32
CA GLU B 194 -18.67 -1.87 -22.76
C GLU B 194 -19.98 -2.03 -23.50
N VAL B 195 -20.03 -1.51 -24.72
CA VAL B 195 -21.21 -1.57 -25.56
C VAL B 195 -21.08 -2.78 -26.48
N THR B 196 -22.07 -3.67 -26.42
CA THR B 196 -21.94 -4.96 -27.08
C THR B 196 -22.13 -4.84 -28.59
N ALA B 197 -23.30 -4.43 -29.03
CA ALA B 197 -23.60 -4.30 -30.45
C ALA B 197 -24.36 -3.04 -30.81
N GLN B 198 -24.76 -2.24 -29.83
CA GLN B 198 -25.63 -1.10 -30.06
C GLN B 198 -24.88 0.02 -30.78
N ASP B 199 -25.58 1.14 -30.99
CA ASP B 199 -24.91 2.38 -31.38
C ASP B 199 -24.44 3.17 -30.17
N ARG B 200 -25.04 2.91 -29.02
CA ARG B 200 -24.64 3.50 -27.74
C ARG B 200 -25.24 2.66 -26.64
N HIS B 201 -24.72 2.82 -25.42
CA HIS B 201 -25.23 2.08 -24.29
C HIS B 201 -26.50 2.72 -23.75
N LYS B 202 -27.64 2.08 -24.00
CA LYS B 202 -28.94 2.59 -23.58
C LYS B 202 -29.35 1.90 -22.30
N GLN B 203 -29.91 2.67 -21.37
CA GLN B 203 -30.39 2.14 -20.11
C GLN B 203 -31.59 2.96 -19.65
N LYS B 204 -32.28 2.45 -18.64
CA LYS B 204 -33.42 3.16 -18.09
C LYS B 204 -32.97 4.32 -17.21
N ILE B 205 -33.63 5.46 -17.38
CA ILE B 205 -33.34 6.68 -16.63
C ILE B 205 -34.59 7.05 -15.85
N ILE B 206 -34.41 7.61 -14.65
CA ILE B 206 -35.55 7.91 -13.79
C ILE B 206 -36.49 8.90 -14.48
N ALA B 207 -37.78 8.62 -14.39
CA ALA B 207 -38.82 9.45 -14.96
C ALA B 207 -40.10 9.22 -14.17
N PRO B 208 -40.88 10.27 -13.93
CA PRO B 208 -42.06 10.14 -13.07
C PRO B 208 -43.05 9.11 -13.61
N ALA B 209 -43.92 8.65 -12.73
CA ALA B 209 -44.91 7.65 -13.10
C ALA B 209 -45.97 8.26 -14.01
N LYS B 210 -46.93 7.41 -14.41
CA LYS B 210 -48.02 7.77 -15.30
C LYS B 210 -47.52 8.07 -16.71
N ASP C 12 16.41 22.04 -37.86
CA ASP C 12 15.63 22.39 -36.68
C ASP C 12 15.41 21.17 -35.78
N ARG C 13 15.15 20.02 -36.40
CA ARG C 13 14.91 18.79 -35.66
C ARG C 13 16.19 17.98 -35.48
N THR C 14 17.24 18.63 -34.99
CA THR C 14 18.51 17.97 -34.69
C THR C 14 18.73 18.07 -33.19
N LEU C 15 18.85 16.94 -32.52
CA LEU C 15 19.05 16.90 -31.08
C LEU C 15 20.26 16.05 -30.73
N THR C 16 21.00 16.51 -29.73
CA THR C 16 22.16 15.77 -29.21
C THR C 16 22.01 15.68 -27.70
N THR C 17 22.01 14.46 -27.18
CA THR C 17 21.99 14.22 -25.74
C THR C 17 23.33 13.69 -25.31
N ARG C 18 23.91 14.27 -24.27
CA ARG C 18 25.17 13.81 -23.71
C ARG C 18 24.94 13.39 -22.26
N ASN C 19 25.14 12.11 -21.99
CA ASN C 19 24.99 11.56 -20.64
C ASN C 19 26.33 10.97 -20.24
N GLY C 20 27.11 11.72 -19.48
CA GLY C 20 28.42 11.24 -19.08
C GLY C 20 29.42 11.47 -20.19
N HIS C 21 30.19 10.45 -20.51
CA HIS C 21 31.11 10.49 -21.64
C HIS C 21 30.54 9.80 -22.86
N THR C 22 29.22 9.81 -23.00
CA THR C 22 28.51 9.18 -24.10
C THR C 22 27.55 10.18 -24.70
N THR C 23 27.45 10.19 -26.03
CA THR C 23 26.53 11.09 -26.72
C THR C 23 25.63 10.28 -27.64
N SER C 24 24.59 10.94 -28.14
CA SER C 24 23.64 10.28 -29.04
C SER C 24 22.92 11.38 -29.82
N THR C 25 23.15 11.42 -31.13
CA THR C 25 22.60 12.45 -32.01
C THR C 25 21.48 11.86 -32.86
N THR C 26 20.45 12.66 -33.12
CA THR C 26 19.34 12.25 -33.96
C THR C 26 18.87 13.44 -34.78
N GLN C 27 18.61 13.19 -36.06
CA GLN C 27 18.17 14.25 -36.97
C GLN C 27 16.68 14.16 -37.28
N SER C 28 15.97 13.23 -36.67
CA SER C 28 14.53 13.11 -36.76
C SER C 28 13.91 13.31 -35.39
N SER C 29 14.41 14.31 -34.68
CA SER C 29 13.95 14.61 -33.34
C SER C 29 12.57 15.24 -33.38
N VAL C 30 11.79 14.98 -32.34
CA VAL C 30 10.42 15.48 -32.29
C VAL C 30 10.24 16.17 -30.94
N GLY C 31 11.30 16.20 -30.15
CA GLY C 31 11.29 16.82 -28.84
C GLY C 31 11.64 15.84 -27.76
N VAL C 32 11.65 16.35 -26.54
CA VAL C 32 11.86 15.55 -25.34
C VAL C 32 10.62 15.65 -24.48
N THR C 33 10.15 14.51 -23.99
CA THR C 33 8.95 14.44 -23.17
C THR C 33 9.38 14.24 -21.72
N TYR C 34 9.01 15.17 -20.86
CA TYR C 34 9.24 15.03 -19.43
C TYR C 34 7.97 14.49 -18.78
N GLY C 35 8.11 13.47 -17.97
CA GLY C 35 6.96 12.88 -17.33
C GLY C 35 6.90 13.13 -15.85
N TYR C 36 5.81 13.74 -15.39
CA TYR C 36 5.47 13.89 -13.97
C TYR C 36 6.37 14.89 -13.25
N SER C 37 7.44 15.35 -13.89
CA SER C 37 8.40 16.23 -13.23
C SER C 37 9.43 16.64 -14.26
N THR C 38 10.01 17.82 -14.04
CA THR C 38 11.15 18.28 -14.83
C THR C 38 12.47 18.14 -14.10
N GLY C 39 12.45 17.72 -12.83
CA GLY C 39 13.67 17.47 -12.09
C GLY C 39 13.35 16.70 -10.83
N GLU C 40 14.38 16.05 -10.29
CA GLU C 40 14.21 15.19 -9.12
C GLU C 40 13.83 16.00 -7.89
N ASP C 41 13.17 15.32 -6.95
CA ASP C 41 12.85 15.89 -5.65
C ASP C 41 14.01 15.63 -4.68
N HIS C 42 13.78 15.82 -3.40
CA HIS C 42 14.87 15.81 -2.42
C HIS C 42 15.50 14.42 -2.32
N VAL C 43 16.77 14.31 -2.71
CA VAL C 43 17.44 13.03 -2.70
C VAL C 43 17.91 12.67 -1.31
N SER C 44 18.13 13.67 -0.46
CA SER C 44 18.57 13.43 0.91
C SER C 44 17.40 13.58 1.87
N GLY C 45 16.93 12.46 2.41
CA GLY C 45 15.82 12.47 3.31
C GLY C 45 16.18 11.94 4.68
N PRO C 46 15.17 11.75 5.53
CA PRO C 46 15.45 11.29 6.90
C PRO C 46 15.59 9.78 7.03
N ASN C 47 15.29 9.01 5.98
CA ASN C 47 15.33 7.56 6.10
C ASN C 47 16.75 7.03 5.91
N THR C 48 17.61 7.78 5.24
CA THR C 48 18.97 7.34 4.97
C THR C 48 19.98 7.95 5.94
N SER C 49 19.57 8.88 6.78
CA SER C 49 20.35 9.37 7.92
C SER C 49 21.70 9.95 7.51
N GLY C 50 21.75 10.64 6.37
CA GLY C 50 22.93 11.39 5.99
C GLY C 50 24.04 10.60 5.36
N LEU C 51 23.84 9.31 5.13
CA LEU C 51 24.90 8.42 4.68
C LEU C 51 24.78 8.03 3.20
N GLU C 52 24.12 8.83 2.38
CA GLU C 52 23.99 8.52 0.97
C GLU C 52 25.01 9.31 0.17
N THR C 53 25.40 8.76 -0.97
CA THR C 53 26.38 9.36 -1.87
C THR C 53 25.91 9.21 -3.30
N ARG C 54 26.39 10.09 -4.17
CA ARG C 54 26.04 10.09 -5.58
C ARG C 54 27.17 9.50 -6.40
N VAL C 55 26.83 8.69 -7.40
CA VAL C 55 27.80 8.06 -8.28
C VAL C 55 27.57 8.62 -9.67
N THR C 56 28.54 9.37 -10.19
CA THR C 56 28.42 9.97 -11.51
C THR C 56 29.01 9.09 -12.60
N GLN C 57 29.76 8.05 -12.25
CA GLN C 57 30.31 7.13 -13.23
C GLN C 57 29.27 6.16 -13.75
N ALA C 58 28.12 6.06 -13.11
CA ALA C 58 27.09 5.11 -13.51
C ALA C 58 26.04 5.73 -14.42
N GLU C 59 26.01 7.05 -14.52
CA GLU C 59 25.04 7.73 -15.36
C GLU C 59 25.54 7.82 -16.79
N ARG C 60 25.24 6.81 -17.62
CA ARG C 60 25.61 6.80 -19.02
C ARG C 60 24.76 5.79 -19.75
N PHE C 61 24.83 5.83 -21.08
CA PHE C 61 23.93 5.06 -21.93
C PHE C 61 24.32 3.58 -21.96
N PHE C 62 23.33 2.74 -22.23
CA PHE C 62 23.56 1.34 -22.54
C PHE C 62 22.44 0.84 -23.44
N LYS C 63 22.77 -0.07 -24.35
CA LYS C 63 21.85 -0.52 -25.39
C LYS C 63 20.99 -1.68 -24.92
N LYS C 64 19.88 -1.89 -25.63
CA LYS C 64 18.98 -3.00 -25.39
C LYS C 64 18.07 -3.17 -26.60
N HIS C 65 17.81 -4.42 -26.95
CA HIS C 65 16.98 -4.76 -28.11
C HIS C 65 15.58 -5.09 -27.62
N LEU C 66 14.58 -4.42 -28.19
CA LEU C 66 13.20 -4.56 -27.74
C LEU C 66 12.42 -5.61 -28.54
N PHE C 67 12.23 -5.40 -29.84
CA PHE C 67 11.50 -6.36 -30.65
C PHE C 67 11.65 -5.99 -32.12
N ASN C 68 11.27 -6.94 -32.98
CA ASN C 68 11.22 -6.75 -34.42
C ASN C 68 9.79 -6.35 -34.79
N TRP C 69 9.65 -5.19 -35.41
CA TRP C 69 8.33 -4.68 -35.81
C TRP C 69 8.01 -5.21 -37.19
N THR C 70 7.28 -6.30 -37.26
CA THR C 70 6.88 -6.89 -38.53
C THR C 70 5.47 -6.45 -38.87
N THR C 71 5.01 -6.80 -40.08
CA THR C 71 3.72 -6.35 -40.56
C THR C 71 2.56 -7.18 -40.04
N ASP C 72 2.83 -8.36 -39.49
CA ASP C 72 1.77 -9.23 -39.02
C ASP C 72 1.43 -9.01 -37.55
N LYS C 73 1.88 -7.92 -36.97
CA LYS C 73 1.55 -7.60 -35.59
C LYS C 73 0.42 -6.59 -35.55
N PRO C 74 -0.74 -6.92 -34.98
CA PRO C 74 -1.88 -6.02 -35.04
C PRO C 74 -1.84 -4.92 -34.00
N PHE C 75 -2.88 -4.10 -33.94
CA PHE C 75 -2.96 -3.11 -32.87
C PHE C 75 -2.98 -3.80 -31.52
N GLY C 76 -2.32 -3.18 -30.55
CA GLY C 76 -2.33 -3.68 -29.19
C GLY C 76 -1.22 -4.64 -28.86
N HIS C 77 -0.29 -4.86 -29.77
CA HIS C 77 0.86 -5.72 -29.48
C HIS C 77 1.77 -5.00 -28.51
N LEU C 78 1.95 -5.56 -27.33
CA LEU C 78 2.69 -4.92 -26.24
C LEU C 78 4.04 -5.60 -26.07
N GLU C 79 5.06 -4.79 -25.84
CA GLU C 79 6.39 -5.27 -25.46
C GLU C 79 6.85 -4.41 -24.30
N LYS C 80 7.37 -5.04 -23.25
CA LYS C 80 7.78 -4.31 -22.06
C LYS C 80 9.25 -4.59 -21.75
N LEU C 81 9.81 -3.72 -20.92
CA LEU C 81 11.17 -3.90 -20.43
C LEU C 81 11.25 -3.20 -19.07
N LYS C 82 11.32 -3.98 -18.00
CA LYS C 82 11.35 -3.44 -16.66
C LYS C 82 12.73 -2.86 -16.37
N LEU C 83 12.77 -1.70 -15.79
CA LEU C 83 14.00 -1.02 -15.44
C LEU C 83 14.15 -0.91 -13.93
N PRO C 84 15.33 -1.20 -13.36
CA PRO C 84 16.60 -1.56 -14.00
C PRO C 84 16.68 -2.97 -14.56
N THR C 85 17.42 -3.12 -15.65
CA THR C 85 17.58 -4.36 -16.38
C THR C 85 18.85 -5.05 -15.87
N ASP C 86 19.22 -6.16 -16.50
CA ASP C 86 20.49 -6.82 -16.21
C ASP C 86 21.64 -5.98 -16.78
N HIS C 87 22.30 -5.22 -15.93
CA HIS C 87 23.40 -4.36 -16.34
C HIS C 87 24.71 -5.07 -16.08
N LYS C 88 25.63 -4.97 -17.04
CA LYS C 88 26.93 -5.61 -16.93
C LYS C 88 28.07 -4.65 -16.62
N GLY C 89 27.78 -3.38 -16.40
CA GLY C 89 28.81 -2.40 -16.13
C GLY C 89 28.80 -1.83 -14.73
N VAL C 90 29.12 -0.55 -14.61
CA VAL C 90 29.24 0.09 -13.31
C VAL C 90 27.90 0.09 -12.57
N TYR C 91 26.79 0.27 -13.30
CA TYR C 91 25.48 0.23 -12.68
C TYR C 91 25.19 -1.12 -12.04
N GLY C 92 25.63 -2.21 -12.68
CA GLY C 92 25.38 -3.52 -12.12
C GLY C 92 26.10 -3.75 -10.80
N HIS C 93 27.37 -3.38 -10.74
CA HIS C 93 28.11 -3.52 -9.48
C HIS C 93 27.56 -2.56 -8.44
N LEU C 94 27.02 -1.42 -8.85
CA LEU C 94 26.30 -0.59 -7.89
C LEU C 94 25.11 -1.34 -7.30
N VAL C 95 24.29 -1.97 -8.16
CA VAL C 95 23.09 -2.63 -7.67
C VAL C 95 23.42 -3.78 -6.74
N ASP C 96 24.45 -4.56 -7.06
CA ASP C 96 24.77 -5.68 -6.18
C ASP C 96 25.79 -5.32 -5.10
N SER C 97 26.20 -4.07 -5.00
CA SER C 97 27.18 -3.64 -4.01
C SER C 97 26.61 -2.78 -2.90
N PHE C 98 25.49 -2.09 -3.13
CA PHE C 98 24.85 -1.25 -2.12
C PHE C 98 23.45 -1.78 -1.87
N ALA C 99 22.89 -1.45 -0.71
CA ALA C 99 21.60 -2.02 -0.32
C ALA C 99 20.44 -1.19 -0.84
N TYR C 100 20.57 0.13 -0.85
CA TYR C 100 19.51 1.03 -1.28
C TYR C 100 20.02 1.95 -2.38
N MET C 101 19.26 2.05 -3.45
CA MET C 101 19.57 2.88 -4.61
C MET C 101 18.35 3.71 -4.98
N ARG C 102 18.58 4.77 -5.75
CA ARG C 102 17.50 5.51 -6.37
C ARG C 102 18.07 6.24 -7.58
N ASN C 103 17.30 6.31 -8.66
CA ASN C 103 17.70 7.06 -9.85
C ASN C 103 16.51 7.15 -10.79
N GLY C 104 16.52 8.18 -11.64
CA GLY C 104 15.55 8.28 -12.70
C GLY C 104 16.08 7.73 -14.00
N TRP C 105 15.34 7.96 -15.08
CA TRP C 105 15.71 7.40 -16.37
C TRP C 105 15.63 8.44 -17.47
N ASP C 106 16.41 8.22 -18.51
CA ASP C 106 16.45 9.08 -19.71
C ASP C 106 16.50 8.14 -20.90
N VAL C 107 15.33 7.81 -21.45
CA VAL C 107 15.18 6.73 -22.41
C VAL C 107 15.09 7.31 -23.82
N GLU C 108 15.55 6.54 -24.80
CA GLU C 108 15.53 6.96 -26.20
C GLU C 108 15.37 5.73 -27.07
N VAL C 109 14.23 5.62 -27.75
CA VAL C 109 13.90 4.46 -28.56
C VAL C 109 14.00 4.85 -30.03
N SER C 110 14.49 3.93 -30.85
CA SER C 110 14.66 4.18 -32.28
C SER C 110 14.14 3.00 -33.09
N ALA C 111 13.33 3.28 -34.10
CA ALA C 111 12.81 2.28 -35.03
C ALA C 111 13.09 2.78 -36.44
N VAL C 112 14.19 2.32 -37.03
CA VAL C 112 14.67 2.82 -38.31
C VAL C 112 14.13 1.94 -39.42
N GLY C 113 13.31 2.53 -40.30
CA GLY C 113 12.90 1.92 -41.55
C GLY C 113 13.26 2.82 -42.70
N ASN C 114 12.28 3.32 -43.44
CA ASN C 114 12.49 4.46 -44.32
C ASN C 114 11.18 5.22 -44.40
N GLN C 115 11.22 6.38 -45.06
CA GLN C 115 10.08 7.29 -45.06
C GLN C 115 8.94 6.78 -45.92
N PHE C 116 9.16 5.67 -46.62
CA PHE C 116 8.14 5.04 -47.45
C PHE C 116 7.45 3.89 -46.75
N ASN C 117 7.45 3.89 -45.42
CA ASN C 117 6.69 2.94 -44.63
C ASN C 117 5.47 3.63 -44.03
N GLY C 118 4.65 2.85 -43.33
CA GLY C 118 3.52 3.39 -42.62
C GLY C 118 3.31 2.65 -41.33
N GLY C 119 2.71 3.33 -40.37
CA GLY C 119 2.41 2.74 -39.08
C GLY C 119 2.72 3.69 -37.97
N CYS C 120 2.36 3.28 -36.76
CA CYS C 120 2.55 4.09 -35.57
C CYS C 120 2.90 3.17 -34.42
N LEU C 121 3.85 3.60 -33.59
CA LEU C 121 4.21 2.92 -32.36
C LEU C 121 3.94 3.87 -31.20
N LEU C 122 3.65 3.31 -30.04
CA LEU C 122 3.46 4.09 -28.83
C LEU C 122 4.55 3.67 -27.85
N VAL C 123 5.39 4.61 -27.45
CA VAL C 123 6.45 4.38 -26.47
C VAL C 123 6.09 5.13 -25.20
N ALA C 124 5.82 4.39 -24.13
CA ALA C 124 5.41 4.98 -22.87
C ALA C 124 6.26 4.43 -21.73
N MET C 125 6.28 5.17 -20.61
CA MET C 125 6.95 4.74 -19.38
C MET C 125 5.92 4.62 -18.28
N VAL C 126 5.59 3.38 -17.91
CA VAL C 126 4.49 3.09 -17.00
C VAL C 126 5.07 2.87 -15.61
N PRO C 127 4.60 3.60 -14.58
CA PRO C 127 5.04 3.31 -13.21
C PRO C 127 4.24 2.18 -12.58
N GLU C 128 4.96 1.30 -11.89
CA GLU C 128 4.38 0.15 -11.18
C GLU C 128 3.57 -0.73 -12.15
N TRP C 129 4.31 -1.33 -13.07
CA TRP C 129 3.71 -2.10 -14.15
C TRP C 129 2.76 -3.16 -13.63
N LYS C 130 1.69 -3.39 -14.38
CA LYS C 130 0.75 -4.48 -14.19
C LYS C 130 0.17 -4.78 -15.56
N LYS C 131 -0.12 -6.05 -15.84
CA LYS C 131 -0.55 -6.43 -17.17
C LYS C 131 -1.85 -5.75 -17.54
N PHE C 132 -1.96 -5.31 -18.79
CA PHE C 132 -3.11 -4.54 -19.23
C PHE C 132 -4.10 -5.45 -19.94
N THR C 133 -5.39 -5.21 -19.70
CA THR C 133 -6.45 -5.89 -20.41
C THR C 133 -6.60 -5.30 -21.80
N PRO C 134 -7.20 -6.03 -22.74
CA PRO C 134 -7.32 -5.50 -24.10
C PRO C 134 -8.07 -4.18 -24.20
N ARG C 135 -9.00 -3.91 -23.29
CA ARG C 135 -9.72 -2.65 -23.30
C ARG C 135 -8.94 -1.52 -22.63
N GLU C 136 -7.97 -1.87 -21.79
CA GLU C 136 -7.18 -0.86 -21.11
C GLU C 136 -6.05 -0.33 -21.97
N LYS C 137 -5.73 -1.01 -23.07
CA LYS C 137 -4.67 -0.54 -23.96
C LYS C 137 -5.11 0.69 -24.75
N TYR C 138 -6.40 0.98 -24.80
CA TYR C 138 -6.87 2.19 -25.46
C TYR C 138 -6.55 3.45 -24.68
N GLN C 139 -6.10 3.31 -23.43
CA GLN C 139 -5.79 4.44 -22.57
C GLN C 139 -4.32 4.47 -22.17
N LEU C 140 -3.45 3.83 -22.96
CA LEU C 140 -2.02 3.81 -22.64
C LEU C 140 -1.38 5.17 -22.75
N THR C 141 -2.08 6.17 -23.27
CA THR C 141 -1.56 7.52 -23.40
C THR C 141 -1.82 8.37 -22.17
N LEU C 142 -2.11 7.75 -21.04
CA LEU C 142 -2.21 8.45 -19.76
C LEU C 142 -0.86 8.58 -19.07
N PHE C 143 0.16 7.91 -19.58
CA PHE C 143 1.53 7.86 -19.09
C PHE C 143 2.43 8.69 -19.99
N PRO C 144 3.61 9.08 -19.52
CA PRO C 144 4.55 9.82 -20.38
C PRO C 144 4.91 9.03 -21.61
N HIS C 145 4.65 9.60 -22.78
CA HIS C 145 4.69 8.82 -24.01
C HIS C 145 5.10 9.67 -25.19
N GLN C 146 5.43 8.98 -26.29
CA GLN C 146 5.65 9.58 -27.60
C GLN C 146 5.35 8.52 -28.65
N PHE C 147 5.18 8.96 -29.89
CA PHE C 147 4.87 8.06 -30.99
C PHE C 147 6.03 8.01 -31.97
N ILE C 148 6.24 6.85 -32.56
CA ILE C 148 7.18 6.68 -33.65
C ILE C 148 6.38 6.38 -34.90
N SER C 149 6.35 7.33 -35.82
CA SER C 149 5.72 7.15 -37.13
C SER C 149 6.81 7.23 -38.18
N PRO C 150 7.07 6.17 -38.94
CA PRO C 150 8.06 6.25 -40.02
C PRO C 150 7.85 7.43 -40.95
N ARG C 151 6.62 7.93 -41.03
CA ARG C 151 6.31 9.10 -41.82
C ARG C 151 7.08 10.33 -41.35
N THR C 152 7.31 10.46 -40.05
CA THR C 152 7.93 11.66 -39.49
C THR C 152 9.27 11.41 -38.83
N ASN C 153 9.35 10.55 -37.83
CA ASN C 153 10.54 10.44 -37.01
C ASN C 153 10.96 8.99 -36.89
N MET C 154 12.18 8.80 -36.41
CA MET C 154 12.69 7.46 -36.12
C MET C 154 13.06 7.30 -34.65
N THR C 155 12.78 8.29 -33.81
CA THR C 155 13.35 8.31 -32.46
C THR C 155 12.38 8.97 -31.49
N ALA C 156 12.08 8.29 -30.39
CA ALA C 156 11.34 8.84 -29.27
C ALA C 156 12.30 9.12 -28.14
N HIS C 157 11.94 10.06 -27.26
CA HIS C 157 12.81 10.46 -26.15
C HIS C 157 11.94 10.92 -24.99
N ILE C 158 11.96 10.16 -23.89
CA ILE C 158 11.23 10.49 -22.67
C ILE C 158 12.21 10.55 -21.51
N THR C 159 11.91 11.41 -20.54
CA THR C 159 12.75 11.59 -19.37
C THR C 159 11.87 11.62 -18.13
N VAL C 160 12.13 10.73 -17.18
CA VAL C 160 11.25 10.55 -16.03
C VAL C 160 12.05 10.61 -14.75
N PRO C 161 11.43 11.06 -13.67
CA PRO C 161 12.10 11.12 -12.37
C PRO C 161 11.98 9.79 -11.65
N TYR C 162 12.46 9.76 -10.41
CA TYR C 162 12.28 8.61 -9.54
C TYR C 162 11.02 8.83 -8.72
N LEU C 163 10.18 7.79 -8.60
CA LEU C 163 9.02 7.84 -7.73
C LEU C 163 8.80 6.48 -7.09
N GLY C 164 8.06 6.46 -6.00
CA GLY C 164 7.76 5.21 -5.32
C GLY C 164 7.21 5.50 -3.93
N VAL C 165 6.79 4.43 -3.26
CA VAL C 165 6.27 4.61 -1.90
C VAL C 165 7.41 4.87 -0.93
N ASN C 166 8.63 4.49 -1.29
CA ASN C 166 9.81 4.69 -0.47
C ASN C 166 10.80 5.60 -1.19
N ARG C 167 11.59 6.34 -0.41
CA ARG C 167 12.51 7.30 -0.97
C ARG C 167 13.73 6.62 -1.57
N TYR C 168 14.13 5.47 -1.04
CA TYR C 168 15.17 4.63 -1.62
C TYR C 168 14.61 3.24 -1.86
N ASP C 169 15.15 2.55 -2.86
CA ASP C 169 14.58 1.30 -3.31
C ASP C 169 15.62 0.18 -3.23
N GLN C 170 15.12 -1.04 -3.09
CA GLN C 170 15.93 -2.25 -3.20
C GLN C 170 15.56 -2.90 -4.52
N TYR C 171 16.36 -2.63 -5.56
CA TYR C 171 16.00 -2.97 -6.93
C TYR C 171 15.95 -4.46 -7.19
N LYS C 172 16.46 -5.29 -6.28
CA LYS C 172 16.30 -6.73 -6.42
C LYS C 172 14.92 -7.19 -5.95
N LYS C 173 14.14 -6.29 -5.38
CA LYS C 173 12.80 -6.59 -4.88
C LYS C 173 11.71 -5.82 -5.57
N HIS C 174 12.00 -4.64 -6.10
CA HIS C 174 10.98 -3.76 -6.67
C HIS C 174 11.55 -3.07 -7.90
N LYS C 175 10.71 -2.86 -8.91
CA LYS C 175 11.07 -2.14 -10.12
C LYS C 175 10.01 -1.10 -10.42
N PRO C 176 10.23 0.16 -10.10
CA PRO C 176 9.17 1.16 -10.24
C PRO C 176 8.75 1.41 -11.68
N TRP C 177 9.72 1.54 -12.59
CA TRP C 177 9.45 1.94 -13.95
C TRP C 177 9.45 0.76 -14.91
N THR C 178 8.77 0.92 -16.04
CA THR C 178 8.72 -0.09 -17.08
C THR C 178 8.57 0.62 -18.42
N LEU C 179 9.42 0.26 -19.38
CA LEU C 179 9.32 0.80 -20.73
C LEU C 179 8.40 -0.08 -21.57
N VAL C 180 7.46 0.56 -22.26
CA VAL C 180 6.42 -0.14 -22.99
C VAL C 180 6.38 0.40 -24.42
N VAL C 181 6.33 -0.51 -25.39
CA VAL C 181 6.17 -0.17 -26.80
C VAL C 181 5.00 -0.96 -27.36
N MET C 182 3.95 -0.25 -27.78
CA MET C 182 2.74 -0.87 -28.30
C MET C 182 2.55 -0.50 -29.77
N VAL C 183 2.11 -1.49 -30.56
CA VAL C 183 1.77 -1.29 -31.97
C VAL C 183 0.41 -0.61 -32.01
N VAL C 184 0.39 0.64 -32.47
CA VAL C 184 -0.89 1.34 -32.62
C VAL C 184 -1.48 1.07 -33.99
N SER C 185 -0.73 1.33 -35.05
CA SER C 185 -1.12 1.05 -36.42
C SER C 185 -0.14 0.05 -36.99
N PRO C 186 -0.61 -1.03 -37.61
CA PRO C 186 0.32 -2.05 -38.11
C PRO C 186 1.27 -1.47 -39.16
N LEU C 187 2.48 -2.00 -39.18
CA LEU C 187 3.46 -1.58 -40.17
C LEU C 187 2.95 -1.96 -41.56
N THR C 188 2.91 -0.98 -42.44
CA THR C 188 2.57 -1.21 -43.84
C THR C 188 3.80 -0.87 -44.67
N THR C 189 4.20 -1.82 -45.51
CA THR C 189 5.35 -1.64 -46.40
C THR C 189 4.93 -1.78 -47.85
N SER C 190 5.78 -1.29 -48.74
CA SER C 190 5.57 -1.44 -50.17
C SER C 190 6.83 -2.00 -50.81
N SER C 191 6.89 -1.99 -52.14
CA SER C 191 8.08 -2.51 -52.83
C SER C 191 9.32 -1.66 -52.61
N ILE C 192 9.16 -0.40 -52.18
CA ILE C 192 10.28 0.50 -52.01
C ILE C 192 10.47 0.87 -50.53
N GLY C 193 9.74 0.21 -49.64
CA GLY C 193 9.87 0.44 -48.22
C GLY C 193 10.52 -0.71 -47.47
N ALA C 194 11.01 -0.47 -46.26
CA ALA C 194 11.68 -1.51 -45.51
C ALA C 194 10.69 -2.57 -45.07
N THR C 195 10.99 -3.83 -45.36
CA THR C 195 10.08 -4.92 -45.10
C THR C 195 9.97 -5.29 -43.63
N GLU C 196 10.88 -4.80 -42.80
CA GLU C 196 10.88 -5.10 -41.38
C GLU C 196 11.60 -3.98 -40.64
N ILE C 197 11.27 -3.82 -39.37
CA ILE C 197 11.89 -2.79 -38.55
C ILE C 197 12.28 -3.40 -37.21
N LYS C 198 13.51 -3.12 -36.79
CA LYS C 198 14.04 -3.58 -35.52
C LYS C 198 14.09 -2.41 -34.56
N VAL C 199 13.68 -2.64 -33.31
CA VAL C 199 13.52 -1.59 -32.32
C VAL C 199 14.58 -1.79 -31.23
N TYR C 200 15.27 -0.72 -30.88
CA TYR C 200 16.31 -0.74 -29.86
C TYR C 200 16.07 0.38 -28.85
N ALA C 201 16.60 0.22 -27.66
CA ALA C 201 16.49 1.23 -26.61
C ALA C 201 17.88 1.68 -26.17
N ASN C 202 17.97 2.94 -25.78
CA ASN C 202 19.23 3.56 -25.35
C ASN C 202 18.97 4.28 -24.05
N ILE C 203 19.10 3.57 -22.93
CA ILE C 203 18.66 4.07 -21.64
C ILE C 203 19.87 4.50 -20.82
N ALA C 204 19.67 5.52 -19.99
CA ALA C 204 20.72 6.08 -19.14
C ALA C 204 20.14 6.51 -17.81
N PRO C 205 20.62 5.97 -16.69
CA PRO C 205 20.14 6.42 -15.39
C PRO C 205 20.51 7.87 -15.13
N THR C 206 19.75 8.51 -14.25
CA THR C 206 19.90 9.93 -13.96
C THR C 206 19.83 10.14 -12.46
N HIS C 207 20.78 10.91 -11.93
CA HIS C 207 20.86 11.21 -10.51
C HIS C 207 20.94 9.93 -9.67
N VAL C 208 22.03 9.20 -9.85
CA VAL C 208 22.21 7.90 -9.19
C VAL C 208 22.75 8.16 -7.78
N HIS C 209 21.96 7.83 -6.77
CA HIS C 209 22.39 7.92 -5.38
C HIS C 209 22.26 6.56 -4.70
N VAL C 210 23.23 6.25 -3.84
CA VAL C 210 23.32 4.93 -3.22
C VAL C 210 23.45 5.09 -1.70
N ALA C 211 23.12 4.01 -0.99
CA ALA C 211 23.22 4.01 0.46
C ALA C 211 23.30 2.57 0.95
N GLY C 212 24.03 2.37 2.05
CA GLY C 212 24.08 1.06 2.68
C GLY C 212 25.01 0.04 2.04
N GLU C 213 26.32 0.30 2.10
CA GLU C 213 27.28 -0.58 1.48
C GLU C 213 27.25 -1.98 2.09
N LEU C 214 27.37 -2.98 1.24
CA LEU C 214 27.24 -4.38 1.59
C LEU C 214 28.61 -5.05 1.68
N PRO C 215 28.72 -6.12 2.45
CA PRO C 215 29.99 -6.87 2.50
C PRO C 215 30.27 -7.53 1.16
N SER C 216 31.52 -7.92 0.98
CA SER C 216 31.91 -8.57 -0.26
C SER C 216 31.55 -10.05 -0.20
N LYS C 217 31.73 -10.72 -1.33
CA LYS C 217 31.51 -12.15 -1.44
C LYS C 217 32.80 -12.94 -1.52
N GLU C 218 33.91 -12.30 -1.88
CA GLU C 218 35.18 -12.98 -2.04
C GLU C 218 35.76 -13.39 -0.69
N GLY D 1 -38.65 30.17 21.19
CA GLY D 1 -38.64 28.98 22.02
C GLY D 1 -37.26 28.72 22.58
N ILE D 2 -36.74 27.53 22.34
CA ILE D 2 -35.41 27.15 22.79
C ILE D 2 -34.62 26.65 21.59
N VAL D 3 -33.30 26.57 21.76
CA VAL D 3 -32.37 26.19 20.70
C VAL D 3 -32.60 24.74 20.27
N PRO D 4 -32.85 24.48 19.00
CA PRO D 4 -33.01 23.09 18.54
C PRO D 4 -31.68 22.51 18.12
N VAL D 5 -31.50 21.22 18.40
CA VAL D 5 -30.25 20.53 18.11
C VAL D 5 -30.56 19.23 17.41
N ALA D 6 -29.52 18.64 16.81
CA ALA D 6 -29.61 17.36 16.11
C ALA D 6 -28.71 16.38 16.84
N CYS D 7 -29.31 15.43 17.55
CA CYS D 7 -28.53 14.41 18.24
C CYS D 7 -27.98 13.45 17.21
N SER D 8 -26.75 13.70 16.77
CA SER D 8 -26.16 12.95 15.67
C SER D 8 -25.93 11.49 16.07
N ASP D 9 -25.94 10.62 15.06
CA ASP D 9 -25.72 9.20 15.23
C ASP D 9 -24.30 8.82 14.84
N GLY D 10 -23.72 7.88 15.58
CA GLY D 10 -22.31 7.57 15.49
C GLY D 10 -21.45 8.33 16.48
N TYR D 11 -21.90 9.49 16.94
CA TYR D 11 -21.22 10.28 17.94
C TYR D 11 -21.75 9.95 19.33
N GLY D 12 -20.87 10.05 20.33
CA GLY D 12 -21.26 9.96 21.71
C GLY D 12 -20.62 8.83 22.50
N GLY D 13 -20.40 7.67 21.89
CA GLY D 13 -19.95 6.52 22.64
C GLY D 13 -18.57 6.72 23.22
N LEU D 14 -18.23 5.90 24.22
CA LEU D 14 -16.96 6.02 24.91
C LEU D 14 -15.84 5.37 24.10
N VAL D 15 -14.78 6.13 23.85
CA VAL D 15 -13.54 5.59 23.31
C VAL D 15 -12.51 5.69 24.43
N THR D 16 -11.72 4.63 24.61
CA THR D 16 -10.84 4.59 25.77
C THR D 16 -9.63 5.51 25.65
N THR D 17 -9.44 6.17 24.52
CA THR D 17 -8.31 7.08 24.35
C THR D 17 -8.77 8.47 23.92
N ASP D 18 -10.06 8.76 24.07
CA ASP D 18 -10.60 10.02 23.57
C ASP D 18 -9.98 11.21 24.29
N PRO D 19 -9.92 12.36 23.63
CA PRO D 19 -9.28 13.54 24.23
C PRO D 19 -10.18 14.43 25.08
N LYS D 20 -11.33 13.98 25.55
CA LYS D 20 -12.18 14.84 26.37
C LYS D 20 -12.23 14.35 27.82
N THR D 21 -12.74 15.21 28.70
CA THR D 21 -12.69 15.02 30.14
C THR D 21 -14.04 14.60 30.69
N ALA D 22 -14.05 14.28 31.97
CA ALA D 22 -15.27 13.90 32.69
C ALA D 22 -15.73 15.08 33.56
N ASP D 23 -16.87 14.93 34.21
CA ASP D 23 -17.35 16.04 35.01
C ASP D 23 -17.13 15.78 36.48
N PRO D 24 -16.69 16.77 37.24
CA PRO D 24 -16.21 16.53 38.60
C PRO D 24 -17.35 16.35 39.60
N VAL D 25 -16.98 15.79 40.74
CA VAL D 25 -17.95 15.57 41.83
C VAL D 25 -17.44 16.01 43.20
N TYR D 26 -16.19 16.44 43.34
CA TYR D 26 -15.59 16.71 44.66
C TYR D 26 -14.68 17.92 44.53
N GLY D 27 -15.15 19.08 45.00
CA GLY D 27 -14.47 20.34 44.77
C GLY D 27 -13.57 20.75 45.91
N LYS D 28 -12.66 21.67 45.59
CA LYS D 28 -11.82 22.35 46.57
C LYS D 28 -10.95 21.37 47.35
N VAL D 29 -10.08 20.66 46.65
CA VAL D 29 -9.14 19.73 47.26
C VAL D 29 -7.73 20.19 46.94
N TYR D 30 -6.90 20.31 47.97
CA TYR D 30 -5.52 20.76 47.84
C TYR D 30 -4.59 19.61 48.19
N ASN D 31 -3.54 19.45 47.40
CA ASN D 31 -2.59 18.37 47.59
C ASN D 31 -1.46 18.81 48.52
N PRO D 32 -0.79 17.86 49.15
CA PRO D 32 0.46 18.18 49.86
C PRO D 32 1.54 18.58 48.88
N PRO D 33 2.37 19.56 49.23
CA PRO D 33 3.34 20.09 48.27
C PRO D 33 4.48 19.11 48.00
N ARG D 34 4.80 18.95 46.72
CA ARG D 34 5.89 18.10 46.28
C ARG D 34 6.87 18.90 45.44
N THR D 35 7.18 20.11 45.89
CA THR D 35 8.10 20.97 45.16
C THR D 35 9.50 20.36 45.15
N ASN D 36 10.11 20.35 43.97
CA ASN D 36 11.48 19.90 43.78
C ASN D 36 11.67 18.45 44.23
N TYR D 37 10.69 17.60 43.95
CA TYR D 37 10.84 16.19 44.27
C TYR D 37 11.89 15.56 43.35
N PRO D 38 12.83 14.79 43.90
CA PRO D 38 13.94 14.31 43.09
C PRO D 38 13.57 13.16 42.15
N GLY D 39 14.24 13.15 41.01
CA GLY D 39 14.15 12.03 40.10
C GLY D 39 12.90 11.98 39.26
N ARG D 40 12.54 13.09 38.62
CA ARG D 40 11.36 13.14 37.77
C ARG D 40 11.75 12.94 36.32
N PHE D 41 10.98 12.14 35.61
CA PHE D 41 11.14 12.01 34.17
C PHE D 41 9.80 12.25 33.49
N THR D 42 9.82 13.12 32.48
CA THR D 42 8.64 13.45 31.71
C THR D 42 8.62 12.82 30.34
N ASN D 43 9.68 12.09 29.97
CA ASN D 43 9.78 11.42 28.68
C ASN D 43 10.48 10.10 28.92
N LEU D 44 9.99 9.03 28.29
CA LEU D 44 10.64 7.74 28.45
C LEU D 44 11.99 7.70 27.73
N LEU D 45 12.10 8.44 26.63
CA LEU D 45 13.31 8.39 25.83
C LEU D 45 14.45 9.16 26.48
N ASP D 46 14.14 10.05 27.43
CA ASP D 46 15.20 10.67 28.23
C ASP D 46 15.90 9.64 29.11
N VAL D 47 15.12 8.83 29.83
CA VAL D 47 15.68 7.75 30.61
C VAL D 47 16.38 6.75 29.70
N ALA D 48 15.79 6.48 28.53
CA ALA D 48 16.38 5.51 27.61
C ALA D 48 17.70 6.00 27.04
N GLU D 49 17.88 7.33 26.92
CA GLU D 49 19.16 7.87 26.51
C GLU D 49 20.18 7.82 27.62
N ALA D 50 19.84 8.37 28.78
CA ALA D 50 20.82 8.55 29.86
C ALA D 50 21.21 7.25 30.53
N CYS D 51 20.39 6.20 30.47
CA CYS D 51 20.62 4.96 31.21
C CYS D 51 20.68 3.79 30.25
N PRO D 52 21.87 3.31 29.89
CA PRO D 52 21.96 2.10 29.08
C PRO D 52 21.93 0.85 29.94
N THR D 53 21.42 -0.23 29.35
CA THR D 53 21.29 -1.50 30.04
C THR D 53 21.86 -2.61 29.17
N PHE D 54 22.12 -3.76 29.78
CA PHE D 54 23.01 -4.76 29.21
C PHE D 54 22.32 -5.61 28.14
N LEU D 55 23.16 -6.18 27.27
CA LEU D 55 22.71 -7.15 26.29
C LEU D 55 22.82 -8.55 26.88
N CYS D 56 22.25 -9.55 26.21
CA CYS D 56 22.20 -10.91 26.76
C CYS D 56 22.72 -11.85 25.68
N PHE D 57 23.98 -12.26 25.82
CA PHE D 57 24.60 -13.15 24.86
C PHE D 57 24.40 -14.59 25.34
N ASP D 58 25.08 -15.54 24.70
CA ASP D 58 24.87 -16.95 25.02
C ASP D 58 25.12 -17.21 26.49
N ASP D 59 24.41 -18.19 27.05
CA ASP D 59 24.42 -18.52 28.46
C ASP D 59 23.85 -17.39 29.32
N GLY D 60 23.30 -16.35 28.70
CA GLY D 60 22.72 -15.26 29.44
C GLY D 60 23.74 -14.44 30.21
N LYS D 61 24.77 -13.99 29.52
CA LYS D 61 25.82 -13.14 30.07
C LYS D 61 25.81 -11.79 29.37
N PRO D 62 26.07 -10.70 30.10
CA PRO D 62 26.12 -9.38 29.46
C PRO D 62 27.40 -9.10 28.68
N TYR D 63 28.20 -10.11 28.39
CA TYR D 63 29.54 -9.90 27.83
C TYR D 63 29.93 -11.05 26.92
N VAL D 64 30.89 -10.78 26.04
CA VAL D 64 31.48 -11.79 25.16
C VAL D 64 32.93 -11.98 25.55
N VAL D 65 33.38 -13.21 25.52
CA VAL D 65 34.73 -13.57 25.97
C VAL D 65 35.62 -13.84 24.77
N THR D 66 36.87 -13.42 24.85
CA THR D 66 37.83 -13.70 23.79
C THR D 66 38.03 -15.20 23.68
N ARG D 67 38.25 -15.67 22.45
CA ARG D 67 38.29 -17.09 22.17
C ARG D 67 39.67 -17.53 21.69
N GLU D 68 40.15 -18.63 22.24
CA GLU D 68 41.41 -19.24 21.83
C GLU D 68 41.10 -20.18 20.66
N ASP D 69 40.85 -19.59 19.50
CA ASP D 69 40.39 -20.34 18.34
C ASP D 69 40.76 -19.57 17.07
N GLU D 70 40.40 -20.15 15.93
CA GLU D 70 40.56 -19.48 14.65
C GLU D 70 39.36 -18.59 14.32
N GLN D 71 38.30 -18.66 15.10
CA GLN D 71 37.08 -17.90 14.85
C GLN D 71 37.22 -16.51 15.46
N ARG D 72 36.93 -15.48 14.69
CA ARG D 72 37.08 -14.10 15.14
C ARG D 72 35.74 -13.38 15.23
N LEU D 73 34.65 -14.14 15.26
CA LEU D 73 33.31 -13.58 15.35
C LEU D 73 32.82 -13.78 16.77
N LEU D 74 32.80 -12.71 17.55
CA LEU D 74 32.38 -12.81 18.95
C LEU D 74 30.88 -13.00 19.06
N ALA D 75 30.10 -12.08 18.50
CA ALA D 75 28.65 -12.17 18.58
C ALA D 75 28.04 -11.48 17.37
N LYS D 76 26.79 -11.81 17.11
CA LYS D 76 26.06 -11.27 15.96
C LYS D 76 24.58 -11.27 16.30
N PHE D 77 23.90 -10.16 16.06
CA PHE D 77 22.49 -10.06 16.39
C PHE D 77 21.78 -9.13 15.42
N ASP D 78 20.50 -9.39 15.21
CA ASP D 78 19.71 -8.61 14.29
C ASP D 78 19.49 -7.20 14.82
N VAL D 79 19.35 -6.25 13.90
CA VAL D 79 18.97 -4.89 14.27
C VAL D 79 17.46 -4.92 14.41
N SER D 80 17.01 -5.24 15.61
CA SER D 80 15.60 -5.39 15.91
C SER D 80 15.42 -5.25 17.41
N LEU D 81 14.45 -4.42 17.82
CA LEU D 81 14.14 -4.32 19.24
C LEU D 81 13.51 -5.60 19.78
N ALA D 82 13.18 -6.54 18.92
CA ALA D 82 12.67 -7.85 19.32
C ALA D 82 13.71 -8.95 19.19
N ALA D 83 14.99 -8.61 19.15
CA ALA D 83 16.05 -9.60 19.02
C ALA D 83 16.21 -10.37 20.32
N LYS D 84 16.91 -11.51 20.22
CA LYS D 84 17.13 -12.34 21.39
C LYS D 84 18.14 -11.70 22.35
N HIS D 85 19.05 -10.90 21.81
CA HIS D 85 20.06 -10.25 22.65
C HIS D 85 19.50 -9.04 23.38
N MET D 86 18.50 -8.37 22.81
CA MET D 86 17.91 -7.20 23.43
C MET D 86 16.69 -7.52 24.29
N SER D 87 16.40 -8.80 24.52
CA SER D 87 15.19 -9.16 25.23
C SER D 87 15.15 -8.63 26.66
N ASN D 88 16.30 -8.34 27.25
CA ASN D 88 16.36 -7.90 28.63
C ASN D 88 16.71 -6.43 28.77
N THR D 89 16.44 -5.62 27.76
CA THR D 89 16.86 -4.23 27.75
C THR D 89 15.69 -3.31 28.10
N TYR D 90 16.03 -2.09 28.51
CA TYR D 90 15.01 -1.08 28.77
C TYR D 90 14.50 -0.48 27.47
N LEU D 91 15.39 -0.31 26.49
CA LEU D 91 14.97 0.16 25.18
C LEU D 91 13.96 -0.79 24.57
N SER D 92 14.22 -2.09 24.68
CA SER D 92 13.27 -3.08 24.17
C SER D 92 12.00 -3.13 25.01
N GLY D 93 12.12 -3.03 26.33
CA GLY D 93 10.94 -3.04 27.18
C GLY D 93 10.01 -1.88 26.92
N ILE D 94 10.58 -0.74 26.52
CA ILE D 94 9.77 0.39 26.11
C ILE D 94 9.21 0.17 24.72
N ALA D 95 10.06 -0.27 23.79
CA ALA D 95 9.68 -0.38 22.39
C ALA D 95 8.62 -1.45 22.15
N GLN D 96 8.41 -2.36 23.09
CA GLN D 96 7.36 -3.34 22.91
C GLN D 96 5.97 -2.72 22.92
N TYR D 97 5.81 -1.51 23.44
CA TYR D 97 4.53 -0.86 23.56
C TYR D 97 4.27 0.16 22.47
N TYR D 98 4.97 0.07 21.35
CA TYR D 98 4.81 0.99 20.24
C TYR D 98 4.83 0.21 18.94
N ALA D 99 4.26 0.81 17.91
CA ALA D 99 4.16 0.14 16.63
C ALA D 99 5.40 0.34 15.77
N GLN D 100 5.90 1.57 15.70
CA GLN D 100 6.96 1.93 14.78
C GLN D 100 8.05 2.72 15.49
N TYR D 101 9.22 2.80 14.86
CA TYR D 101 10.35 3.53 15.40
C TYR D 101 11.17 4.12 14.26
N SER D 102 12.11 5.00 14.61
CA SER D 102 13.11 5.50 13.68
C SER D 102 14.19 6.21 14.49
N GLY D 103 15.43 6.13 14.00
CA GLY D 103 16.52 6.88 14.56
C GLY D 103 17.67 5.99 14.99
N THR D 104 18.58 6.58 15.75
CA THR D 104 19.85 5.98 16.11
C THR D 104 19.73 5.06 17.32
N ILE D 105 20.59 4.05 17.37
CA ILE D 105 20.68 3.12 18.49
C ILE D 105 22.14 2.96 18.84
N ASN D 106 22.51 3.35 20.06
CA ASN D 106 23.91 3.35 20.48
C ASN D 106 24.28 2.08 21.23
N LEU D 107 25.47 1.56 20.94
CA LEU D 107 26.03 0.40 21.61
C LEU D 107 27.27 0.85 22.38
N HIS D 108 27.44 0.31 23.59
CA HIS D 108 28.57 0.66 24.44
C HIS D 108 29.37 -0.62 24.72
N PHE D 109 30.69 -0.52 24.61
CA PHE D 109 31.58 -1.67 24.81
C PHE D 109 32.59 -1.36 25.88
N MET D 110 32.46 -1.99 27.05
CA MET D 110 33.34 -1.76 28.17
C MET D 110 34.24 -2.97 28.35
N PHE D 111 35.56 -2.74 28.30
CA PHE D 111 36.54 -3.80 28.47
C PHE D 111 36.89 -3.98 29.94
N THR D 112 36.75 -5.21 30.43
CA THR D 112 37.01 -5.51 31.82
C THR D 112 38.10 -6.57 31.96
N GLY D 113 39.19 -6.41 31.23
CA GLY D 113 40.34 -7.25 31.42
C GLY D 113 41.39 -6.57 32.27
N SER D 114 42.40 -7.35 32.66
CA SER D 114 43.46 -6.80 33.48
C SER D 114 44.29 -5.78 32.69
N THR D 115 45.25 -5.18 33.37
CA THR D 115 46.13 -4.22 32.72
C THR D 115 47.10 -4.88 31.76
N ASP D 116 47.58 -6.07 32.08
CA ASP D 116 48.55 -6.76 31.25
C ASP D 116 47.91 -7.53 30.11
N SER D 117 46.67 -7.20 29.74
CA SER D 117 45.97 -7.88 28.68
C SER D 117 45.42 -6.87 27.68
N LYS D 118 45.83 -7.01 26.43
CA LYS D 118 45.47 -6.10 25.34
C LYS D 118 44.56 -6.82 24.37
N ALA D 119 43.87 -6.04 23.54
CA ALA D 119 42.99 -6.59 22.52
C ALA D 119 42.63 -5.49 21.54
N ARG D 120 42.10 -5.90 20.39
CA ARG D 120 41.62 -4.98 19.37
C ARG D 120 40.33 -5.55 18.81
N TYR D 121 39.27 -4.75 18.82
CA TYR D 121 37.94 -5.21 18.43
C TYR D 121 37.46 -4.44 17.22
N MET D 122 36.33 -4.90 16.69
CA MET D 122 35.72 -4.31 15.50
C MET D 122 34.24 -4.61 15.52
N VAL D 123 33.43 -3.62 15.13
CA VAL D 123 31.99 -3.79 15.01
C VAL D 123 31.57 -3.26 13.65
N ALA D 124 30.71 -4.00 12.95
CA ALA D 124 30.26 -3.62 11.62
C ALA D 124 28.75 -3.68 11.55
N TYR D 125 28.16 -2.76 10.80
CA TYR D 125 26.73 -2.75 10.52
C TYR D 125 26.53 -3.36 9.14
N VAL D 126 25.77 -4.45 9.07
CA VAL D 126 25.60 -5.21 7.83
C VAL D 126 24.17 -5.01 7.35
N PRO D 127 23.90 -4.04 6.50
CA PRO D 127 22.51 -3.77 6.10
C PRO D 127 21.94 -4.92 5.29
N PRO D 128 20.63 -4.99 5.11
CA PRO D 128 20.02 -6.16 4.49
C PRO D 128 20.25 -6.19 2.99
N GLY D 129 20.36 -7.40 2.46
CA GLY D 129 20.68 -7.57 1.06
C GLY D 129 21.55 -8.78 0.82
N VAL D 130 22.16 -9.30 1.88
CA VAL D 130 22.86 -10.57 1.86
C VAL D 130 22.01 -11.59 2.61
N GLU D 131 22.19 -12.87 2.27
CA GLU D 131 21.41 -13.92 2.92
C GLU D 131 21.99 -14.28 4.29
N THR D 132 23.31 -14.38 4.38
CA THR D 132 23.98 -14.72 5.63
C THR D 132 24.99 -13.63 5.97
N PRO D 133 25.18 -13.30 7.24
CA PRO D 133 26.16 -12.27 7.59
C PRO D 133 27.57 -12.77 7.33
N PRO D 134 28.53 -11.86 7.25
CA PRO D 134 29.92 -12.29 7.11
C PRO D 134 30.49 -12.71 8.46
N ASP D 135 31.43 -13.66 8.41
CA ASP D 135 32.05 -14.19 9.62
C ASP D 135 33.54 -13.91 9.69
N THR D 136 34.06 -13.07 8.80
CA THR D 136 35.47 -12.69 8.82
C THR D 136 35.53 -11.17 8.82
N PRO D 137 36.38 -10.56 9.65
CA PRO D 137 36.50 -9.10 9.60
C PRO D 137 37.06 -8.62 8.27
N GLU D 138 37.83 -9.45 7.58
CA GLU D 138 38.34 -9.08 6.26
C GLU D 138 37.21 -8.90 5.27
N ARG D 139 36.12 -9.66 5.42
CA ARG D 139 34.97 -9.60 4.54
C ARG D 139 33.92 -8.60 5.01
N ALA D 140 33.83 -8.38 6.31
CA ALA D 140 32.94 -7.37 6.89
C ALA D 140 33.59 -5.99 6.96
N ALA D 141 34.83 -5.85 6.48
CA ALA D 141 35.47 -4.54 6.40
C ALA D 141 34.87 -3.66 5.33
N HIS D 142 33.99 -4.20 4.50
CA HIS D 142 33.40 -3.43 3.42
C HIS D 142 32.06 -2.81 3.79
N CYS D 143 31.56 -3.06 4.99
CA CYS D 143 30.36 -2.42 5.51
C CYS D 143 30.76 -1.15 6.26
N ILE D 144 29.82 -0.56 7.00
CA ILE D 144 30.15 0.53 7.91
C ILE D 144 30.65 -0.12 9.19
N HIS D 145 31.84 0.27 9.63
CA HIS D 145 32.45 -0.34 10.80
C HIS D 145 33.32 0.65 11.55
N ALA D 146 33.91 0.17 12.64
CA ALA D 146 34.83 0.94 13.46
C ALA D 146 35.72 -0.04 14.21
N GLU D 147 36.97 0.35 14.43
CA GLU D 147 37.91 -0.46 15.17
C GLU D 147 38.41 0.31 16.38
N TRP D 148 38.87 -0.42 17.40
CA TRP D 148 39.35 0.19 18.62
C TRP D 148 40.09 -0.86 19.44
N ASP D 149 41.17 -0.42 20.09
CA ASP D 149 41.92 -1.28 20.98
C ASP D 149 41.68 -0.87 22.43
N THR D 150 42.41 -1.51 23.33
CA THR D 150 42.24 -1.34 24.77
C THR D 150 43.34 -0.43 25.31
N GLY D 151 43.00 0.36 26.32
CA GLY D 151 43.97 1.26 26.91
C GLY D 151 43.45 1.90 28.18
N LEU D 152 43.78 3.17 28.37
CA LEU D 152 43.32 3.89 29.55
C LEU D 152 41.81 4.02 29.56
N ASN D 153 41.23 4.47 28.45
CA ASN D 153 39.78 4.59 28.34
C ASN D 153 39.18 3.24 27.98
N SER D 154 38.37 2.69 28.87
CA SER D 154 37.88 1.31 28.76
C SER D 154 36.50 1.21 28.12
N LYS D 155 35.92 2.32 27.68
CA LYS D 155 34.62 2.30 27.05
C LYS D 155 34.73 2.74 25.59
N PHE D 156 33.78 2.27 24.79
CA PHE D 156 33.67 2.64 23.38
C PHE D 156 32.22 2.61 22.98
N THR D 157 31.75 3.68 22.36
CA THR D 157 30.37 3.80 21.92
C THR D 157 30.34 3.84 20.40
N PHE D 158 29.54 2.97 19.80
CA PHE D 158 29.32 2.94 18.36
C PHE D 158 27.84 3.16 18.11
N SER D 159 27.52 3.95 17.09
CA SER D 159 26.16 4.38 16.82
C SER D 159 25.67 3.70 15.55
N ILE D 160 24.66 2.85 15.69
CA ILE D 160 24.03 2.16 14.57
C ILE D 160 23.18 3.13 13.78
N PRO D 161 23.38 3.27 12.47
CA PRO D 161 22.57 4.21 11.70
C PRO D 161 21.21 3.62 11.39
N TYR D 162 20.25 4.51 11.20
CA TYR D 162 18.94 4.14 10.68
C TYR D 162 18.99 4.33 9.18
N VAL D 163 19.18 3.24 8.45
CA VAL D 163 19.21 3.24 6.99
C VAL D 163 18.16 2.25 6.52
N SER D 164 17.17 2.72 5.78
CA SER D 164 16.17 1.83 5.23
C SER D 164 15.46 2.53 4.09
N ALA D 165 14.43 1.86 3.56
CA ALA D 165 13.63 2.44 2.50
C ALA D 165 12.53 3.33 3.07
N ALA D 166 11.75 2.80 3.99
CA ALA D 166 10.66 3.56 4.58
C ALA D 166 11.20 4.51 5.64
N ASP D 167 10.40 5.54 5.95
CA ASP D 167 10.79 6.49 6.97
C ASP D 167 10.69 5.93 8.38
N TYR D 168 9.92 4.86 8.56
CA TYR D 168 9.79 4.21 9.86
C TYR D 168 9.90 2.71 9.68
N ALA D 169 10.18 2.03 10.79
CA ALA D 169 10.34 0.59 10.81
C ALA D 169 9.47 0.01 11.91
N TYR D 170 9.04 -1.23 11.72
CA TYR D 170 8.28 -1.88 12.77
C TYR D 170 9.19 -2.31 13.89
N THR D 171 8.70 -2.18 15.13
CA THR D 171 9.45 -2.59 16.30
C THR D 171 9.17 -4.04 16.65
N ALA D 172 8.66 -4.82 15.69
CA ALA D 172 8.31 -6.21 15.93
C ALA D 172 8.46 -6.96 14.61
N SER D 173 9.16 -8.08 14.66
CA SER D 173 9.34 -8.89 13.45
C SER D 173 8.12 -9.77 13.23
N ASP D 174 7.61 -9.77 12.00
CA ASP D 174 6.27 -10.25 11.72
C ASP D 174 6.06 -11.71 12.05
N VAL D 175 6.73 -12.59 11.32
CA VAL D 175 6.47 -14.02 11.39
C VAL D 175 7.78 -14.74 11.15
N ALA D 176 7.74 -16.07 11.11
CA ALA D 176 8.93 -16.90 10.95
C ALA D 176 9.69 -16.61 9.65
N GLU D 177 9.22 -15.65 8.86
CA GLU D 177 10.00 -15.15 7.74
C GLU D 177 11.39 -14.76 8.21
N THR D 178 12.39 -15.16 7.44
CA THR D 178 13.79 -15.04 7.83
C THR D 178 14.37 -13.72 7.31
N THR D 179 15.67 -13.52 7.51
CA THR D 179 16.40 -12.39 6.95
C THR D 179 15.78 -11.07 7.42
N ASN D 180 16.04 -10.78 8.70
CA ASN D 180 15.53 -9.58 9.38
C ASN D 180 15.49 -8.38 8.45
N VAL D 181 14.39 -7.61 8.55
CA VAL D 181 14.16 -6.49 7.64
C VAL D 181 15.30 -5.47 7.69
N GLN D 182 15.83 -5.18 8.87
CA GLN D 182 17.04 -4.39 9.01
C GLN D 182 18.24 -5.33 9.03
N GLY D 183 19.42 -4.76 9.11
CA GLY D 183 20.61 -5.58 9.00
C GLY D 183 20.94 -6.35 10.26
N TRP D 184 22.21 -6.71 10.37
CA TRP D 184 22.77 -7.31 11.57
C TRP D 184 23.87 -6.42 12.12
N VAL D 185 24.31 -6.73 13.34
CA VAL D 185 25.47 -6.10 13.95
C VAL D 185 26.43 -7.21 14.34
N CYS D 186 27.67 -7.12 13.87
CA CYS D 186 28.65 -8.18 14.03
C CYS D 186 29.85 -7.63 14.79
N ILE D 187 30.20 -8.27 15.89
CA ILE D 187 31.34 -7.88 16.70
C ILE D 187 32.47 -8.85 16.39
N TYR D 188 33.65 -8.32 16.12
CA TYR D 188 34.80 -9.13 15.77
C TYR D 188 35.94 -8.91 16.75
N GLN D 189 36.84 -9.88 16.79
CA GLN D 189 38.04 -9.83 17.60
C GLN D 189 39.22 -9.80 16.65
N ILE D 190 39.70 -8.61 16.31
CA ILE D 190 40.80 -8.48 15.36
C ILE D 190 42.02 -9.24 15.86
N THR D 191 42.45 -8.94 17.07
CA THR D 191 43.57 -9.62 17.70
C THR D 191 43.51 -9.40 19.19
N HIS D 192 44.36 -10.13 19.92
CA HIS D 192 44.45 -9.97 21.36
C HIS D 192 45.77 -10.57 21.83
N GLY D 193 46.36 -9.95 22.84
CA GLY D 193 47.58 -10.48 23.41
C GLY D 193 47.44 -10.82 24.87
N LYS D 194 47.54 -12.11 25.20
CA LYS D 194 47.46 -12.60 26.58
C LYS D 194 46.10 -12.26 27.20
N ALA D 195 45.04 -12.38 26.40
CA ALA D 195 43.67 -12.16 26.85
C ALA D 195 42.92 -13.47 26.65
N GLN D 196 43.00 -14.36 27.64
CA GLN D 196 42.44 -15.69 27.46
C GLN D 196 41.00 -15.78 27.95
N ASN D 197 40.72 -15.23 29.13
CA ASN D 197 39.36 -15.25 29.68
C ASN D 197 38.80 -13.86 29.93
N ASP D 198 39.40 -12.82 29.37
CA ASP D 198 38.92 -11.46 29.57
C ASP D 198 37.68 -11.21 28.73
N THR D 199 36.77 -10.39 29.25
CA THR D 199 35.46 -10.20 28.64
C THR D 199 35.30 -8.76 28.16
N LEU D 200 34.23 -8.54 27.40
CA LEU D 200 33.87 -7.23 26.88
C LEU D 200 32.38 -7.07 27.06
N VAL D 201 31.97 -6.13 27.90
CA VAL D 201 30.57 -5.96 28.27
C VAL D 201 29.90 -5.04 27.25
N VAL D 202 28.68 -5.41 26.84
CA VAL D 202 27.94 -4.67 25.83
C VAL D 202 26.62 -4.20 26.43
N SER D 203 26.23 -2.99 26.10
CA SER D 203 24.97 -2.40 26.53
C SER D 203 24.46 -1.47 25.43
N VAL D 204 23.20 -1.10 25.51
CA VAL D 204 22.56 -0.33 24.45
C VAL D 204 21.69 0.77 25.03
N SER D 205 21.69 1.92 24.38
CA SER D 205 20.84 3.04 24.76
C SER D 205 20.33 3.70 23.48
N ALA D 206 19.39 4.63 23.64
CA ALA D 206 18.80 5.29 22.48
C ALA D 206 19.71 6.43 22.00
N GLY D 207 19.61 6.72 20.71
CA GLY D 207 20.43 7.74 20.09
C GLY D 207 19.87 9.14 20.28
N LYS D 208 20.44 10.07 19.50
CA LYS D 208 20.03 11.46 19.59
C LYS D 208 18.72 11.73 18.86
N ASP D 209 18.41 10.96 17.82
CA ASP D 209 17.20 11.18 17.03
C ASP D 209 16.29 9.98 17.06
N PHE D 210 16.47 9.10 18.04
CA PHE D 210 15.59 7.95 18.19
C PHE D 210 14.18 8.41 18.51
N GLU D 211 13.21 7.57 18.15
CA GLU D 211 11.81 7.95 18.27
C GLU D 211 10.94 6.71 18.20
N LEU D 212 9.92 6.65 19.06
CA LEU D 212 8.86 5.66 18.98
C LEU D 212 7.55 6.38 18.68
N ARG D 213 6.67 5.72 17.91
CA ARG D 213 5.64 6.46 17.19
C ARG D 213 4.21 6.20 17.65
N LEU D 214 3.72 4.96 17.62
CA LEU D 214 2.29 4.72 17.78
C LEU D 214 2.01 3.80 18.96
N PRO D 215 1.42 4.29 20.05
CA PRO D 215 1.27 3.46 21.25
C PRO D 215 0.28 2.33 21.03
N ILE D 216 0.63 1.14 21.51
CA ILE D 216 -0.23 -0.03 21.44
C ILE D 216 -0.19 -0.73 22.80
N ASP D 217 -0.87 -1.86 22.88
CA ASP D 217 -0.96 -2.64 24.11
C ASP D 217 -1.00 -4.10 23.71
N PRO D 218 0.15 -4.71 23.41
CA PRO D 218 0.16 -5.97 22.67
C PRO D 218 0.28 -7.25 23.48
N ARG D 219 0.48 -7.15 24.79
CA ARG D 219 0.78 -8.34 25.59
C ARG D 219 -0.50 -9.05 25.97
N THR D 220 -0.42 -10.37 26.09
CA THR D 220 -1.55 -11.17 26.54
C THR D 220 -1.86 -10.87 28.00
N GLN D 221 -3.09 -10.50 28.28
CA GLN D 221 -3.48 -10.12 29.62
C GLN D 221 -4.69 -10.91 30.11
N SER E 15 -9.96 21.20 1.81
CA SER E 15 -11.28 21.80 1.90
C SER E 15 -12.19 21.24 0.81
N GLY E 16 -12.51 19.95 0.91
CA GLY E 16 -13.44 19.33 -0.01
C GLY E 16 -14.53 18.60 0.75
N ASN E 17 -15.78 18.97 0.48
CA ASN E 17 -16.95 18.32 1.05
C ASN E 17 -17.01 18.51 2.57
N THR E 18 -16.88 19.77 3.00
CA THR E 18 -17.12 20.16 4.38
C THR E 18 -17.88 21.48 4.33
N GLY E 19 -19.03 21.54 5.00
CA GLY E 19 -19.91 22.67 4.79
C GLY E 19 -20.39 23.40 6.02
N SER E 20 -19.65 23.31 7.12
CA SER E 20 -19.98 24.01 8.35
C SER E 20 -19.11 25.25 8.47
N ILE E 21 -19.71 26.34 8.94
CA ILE E 21 -18.98 27.61 9.01
C ILE E 21 -18.21 27.70 10.32
N ILE E 22 -18.73 27.07 11.38
CA ILE E 22 -18.10 27.16 12.69
C ILE E 22 -16.81 26.35 12.72
N ASN E 23 -15.84 26.83 13.50
CA ASN E 23 -14.59 26.11 13.67
C ASN E 23 -14.84 24.75 14.31
N ASN E 24 -13.84 23.88 14.21
CA ASN E 24 -13.96 22.55 14.78
C ASN E 24 -13.82 22.60 16.30
N TYR E 25 -14.49 21.66 16.97
CA TYR E 25 -14.43 21.61 18.43
C TYR E 25 -13.09 21.05 18.92
N TYR E 26 -12.46 20.19 18.13
CA TYR E 26 -11.20 19.56 18.48
C TYR E 26 -10.05 20.24 17.76
N MET E 27 -8.87 20.19 18.38
CA MET E 27 -7.71 20.83 17.80
C MET E 27 -7.29 20.12 16.53
N GLN E 28 -6.49 20.82 15.72
CA GLN E 28 -5.99 20.24 14.48
C GLN E 28 -5.05 19.07 14.74
N GLN E 29 -4.41 19.06 15.91
CA GLN E 29 -3.49 17.99 16.28
C GLN E 29 -4.19 16.66 16.50
N TYR E 30 -5.51 16.67 16.70
CA TYR E 30 -6.25 15.47 17.03
C TYR E 30 -7.25 15.06 15.95
N GLN E 31 -7.69 15.99 15.10
CA GLN E 31 -8.66 15.62 14.07
C GLN E 31 -8.01 14.80 12.96
N ASN E 32 -6.81 15.19 12.53
CA ASN E 32 -6.09 14.43 11.52
C ASN E 32 -4.60 14.57 11.75
N SER E 33 -3.82 13.80 10.99
CA SER E 33 -2.38 13.80 11.14
C SER E 33 -1.79 15.11 10.61
N MET E 34 -0.50 15.30 10.85
CA MET E 34 0.20 16.53 10.52
C MET E 34 1.29 16.25 9.50
N ASP E 35 1.29 17.00 8.41
CA ASP E 35 2.30 16.81 7.37
C ASP E 35 3.56 17.59 7.69
N THR E 36 4.70 16.99 7.36
CA THR E 36 6.00 17.62 7.52
C THR E 36 6.66 17.77 6.16
N GLN E 37 7.58 18.72 6.07
CA GLN E 37 8.22 19.06 4.80
C GLN E 37 9.71 18.75 4.88
N LEU E 38 10.36 18.80 3.72
CA LEU E 38 11.81 18.80 3.64
C LEU E 38 12.27 19.49 2.36
N ASN E 65 2.70 21.29 -5.87
CA ASN E 65 3.22 20.96 -7.20
C ASN E 65 2.25 20.10 -7.99
N ASP E 66 1.31 20.76 -8.66
CA ASP E 66 0.30 20.11 -9.48
C ASP E 66 0.84 19.96 -10.89
N TRP E 67 1.09 18.72 -11.32
CA TRP E 67 1.68 18.51 -12.63
C TRP E 67 0.66 18.69 -13.74
N PHE E 68 -0.53 18.10 -13.58
CA PHE E 68 -1.47 18.05 -14.70
C PHE E 68 -2.21 19.36 -14.87
N SER E 69 -2.34 20.15 -13.80
CA SER E 69 -2.83 21.51 -13.95
C SER E 69 -1.94 22.32 -14.88
N LYS E 70 -0.63 22.29 -14.64
CA LYS E 70 0.31 23.02 -15.49
C LYS E 70 0.41 22.37 -16.88
N LEU E 71 0.22 21.05 -16.96
CA LEU E 71 0.32 20.37 -18.23
C LEU E 71 -0.88 20.66 -19.11
N ALA E 72 -2.03 20.97 -18.50
CA ALA E 72 -3.19 21.36 -19.29
C ALA E 72 -3.19 22.85 -19.58
N SER E 73 -2.75 23.68 -18.66
CA SER E 73 -2.70 25.12 -18.93
C SER E 73 -1.68 25.47 -19.98
N SER E 74 -0.62 24.67 -20.11
CA SER E 74 0.40 24.90 -21.12
C SER E 74 0.08 24.21 -22.43
N ALA E 75 -1.19 23.99 -22.72
CA ALA E 75 -1.59 23.34 -23.96
C ALA E 75 -1.58 24.33 -25.10
N PHE E 76 -1.40 23.82 -26.32
CA PHE E 76 -1.40 24.69 -27.49
C PHE E 76 -2.81 24.96 -27.94
N SER E 77 -3.04 26.19 -28.42
CA SER E 77 -4.32 26.60 -28.98
C SER E 77 -4.03 27.46 -30.20
N GLY E 78 -5.05 28.14 -30.69
CA GLY E 78 -4.84 29.01 -31.84
C GLY E 78 -4.79 28.22 -33.12
N LEU E 79 -3.82 28.55 -33.97
CA LEU E 79 -3.66 27.91 -35.27
C LEU E 79 -2.18 27.59 -35.52
N PHE E 80 -1.92 27.16 -36.74
CA PHE E 80 -0.57 26.95 -37.24
C PHE E 80 -0.55 27.38 -38.69
N GLY E 81 0.51 28.07 -39.08
CA GLY E 81 0.58 28.64 -40.42
C GLY E 81 -0.14 29.96 -40.49
N ALA E 82 -0.61 30.33 -41.69
CA ALA E 82 -1.30 31.58 -41.90
C ALA E 82 -2.81 31.38 -41.83
N LEU E 83 -3.54 32.48 -41.74
CA LEU E 83 -4.99 32.43 -41.66
C LEU E 83 -5.57 33.40 -42.68
N LEU E 84 -6.66 32.98 -43.32
CA LEU E 84 -7.39 33.82 -44.27
C LEU E 84 -8.86 33.76 -43.89
N ALA E 85 -9.24 34.59 -42.92
CA ALA E 85 -10.61 34.58 -42.42
C ALA E 85 -11.53 35.30 -43.40
#